data_4R4H
#
_entry.id   4R4H
#
_cell.length_a   61.357
_cell.length_b   69.429
_cell.length_c   328.576
_cell.angle_alpha   90.00
_cell.angle_beta   90.00
_cell.angle_gamma   90.00
#
_symmetry.space_group_name_H-M   'P 21 21 21'
#
loop_
_entity.id
_entity.type
_entity.pdbx_description
1 polymer 'HIV-1 Env gp120'
2 polymer 'T-cell surface glycoprotein CD4'
3 polymer 'Antibody 2.2c, Light chain'
4 polymer 'Antibody 2.2c, Heavy chain'
5 non-polymer 2-acetamido-2-deoxy-beta-D-glucopyranose
#
loop_
_entity_poly.entity_id
_entity_poly.type
_entity_poly.pdbx_seq_one_letter_code
_entity_poly.pdbx_strand_id
1 'polypeptide(L)'
;MRVKEKYQHLWRWGWRWGTMLLGMLMICSATEKLWVTVYYGVPVWREATTTLFCASDAKAYDTEVHNVWATHACVPTDPN
PQEVVLGNVTENFNMWKNNMVDQMHEDIISLWDESLKPCVKLTGGSVITQACPKVSFQPIPIHYCVPAGFAILKCNNKTF
NGSGPCTNVSTVQCTHGIRPVVSTQLLLNGSLAEEDIVIRSEDFTDNVKTIIVQLNESVVINCTRPNNNTRERLSIGPGR
AFYARRNIIGDIRQAHCNISRAKWNNTLQQIVIKLREKFRNKTIAFNQSSGGDPEIVMHSFNCGGEFFYCNTAQLFNSTW
NVAGGTNGTEGNDIITLQCRIKQIINMWQKVGKAMYAPPITGQIRCSSNITGLLLTRDGGNSTETETEIFRPGGGDMRDN
WRSELYKYKVVRIEPIGVAPTRAKRRTVQREKR
;
A
2 'polypeptide(L)'
;KKVVLGKKGDTVELTCTASQKKSIQFHWKNSNQIKILGNQGSFLTKGPSKLNDRADSRRSLWDQGNFPLIIKNLKIEDSD
TYICEVEDQKEEVQLLVFGLTANSDTHLLQGQSLTLTLESPPGSSPSVQCRSPRGKNIQGGKTLSVSQLELQDSGTWTCT
VLQNQKKVEFKIDIVVLA
;
B
3 'polypeptide(L)'
;DIQMTQSPSFVSASVGDRVTITCRASQGISSYLAWYQQKPGKAPKLVIYAASTLQSGVPSRFSGSGSGTEFTLTISSLQP
EDFATYYCQHLIGLRSFGQGTKLEIKRTVAAPSVFIFPPSDEQLKSGTASVVCLLNNFYPREAKVQWKVDNALQSGNSQE
SVTEQDSKDSTYSLSSTLTLSKADYEKHKVYACEVTHQGLSSPVTKSFNR
;
L
4 'polypeptide(L)'
;QVQLQQWGAGLLKPSETLSLTCGVYGESLSGHYWSWVRQPPGKRLEWIGEIKHNGSPNYHPSLKSRVTISLDMSKNQFSL
NLTSVTAADTAVYFCARRSNWPYLPFDPWGQGTLVTVSSASTKGPSVFPLAPSSKSTSGGTAALGCLVKDYFPEPVTVSW
NSGALTSGVHTFPAVLQSSGLYSLSSVVTVPSSSLGTQTYICNVNHKPSNTKVDKKVEPK
;
H
#
loop_
_chem_comp.id
_chem_comp.type
_chem_comp.name
_chem_comp.formula
NAG D-saccharide, beta linking 2-acetamido-2-deoxy-beta-D-glucopyranose 'C8 H15 N O6'
#
# COMPACT_ATOMS: atom_id res chain seq x y z
N GLU A 47 -29.07 2.94 8.29
CA GLU A 47 -28.05 2.93 7.23
C GLU A 47 -27.12 4.13 7.34
N ALA A 48 -25.84 3.90 7.12
CA ALA A 48 -24.84 4.95 7.18
C ALA A 48 -23.67 4.67 6.24
N THR A 49 -22.74 5.60 6.15
CA THR A 49 -21.57 5.45 5.29
C THR A 49 -20.34 6.14 5.90
N THR A 50 -19.31 5.35 6.17
CA THR A 50 -18.07 5.87 6.73
C THR A 50 -16.88 5.15 6.11
N THR A 51 -15.72 5.80 6.13
CA THR A 51 -14.52 5.20 5.57
C THR A 51 -14.06 3.98 6.38
N LEU A 52 -14.19 2.80 5.79
CA LEU A 52 -13.83 1.57 6.47
C LEU A 52 -12.34 1.26 6.31
N PHE A 53 -11.78 0.55 7.28
CA PHE A 53 -10.42 0.07 7.18
C PHE A 53 -10.45 -1.40 6.76
N CYS A 54 -9.31 -2.07 6.85
CA CYS A 54 -9.23 -3.45 6.44
C CYS A 54 -8.33 -4.30 7.33
N ALA A 55 -8.31 -5.60 7.08
CA ALA A 55 -7.59 -6.54 7.92
C ALA A 55 -7.09 -7.74 7.11
N SER A 56 -5.82 -8.08 7.29
CA SER A 56 -5.25 -9.20 6.55
C SER A 56 -4.10 -9.87 7.29
N ASP A 57 -3.86 -11.13 6.95
CA ASP A 57 -2.72 -11.87 7.48
C ASP A 57 -1.48 -11.61 6.65
N ALA A 58 -1.37 -10.38 6.15
CA ALA A 58 -0.26 -9.98 5.30
C ALA A 58 1.08 -10.23 5.97
N LYS A 59 2.06 -10.64 5.17
CA LYS A 59 3.40 -10.84 5.66
C LYS A 59 4.29 -9.70 5.19
N ALA A 60 4.84 -8.95 6.13
CA ALA A 60 5.73 -7.83 5.80
C ALA A 60 6.96 -8.32 5.04
N TYR A 61 7.47 -9.48 5.45
CA TYR A 61 8.67 -10.05 4.84
C TYR A 61 8.46 -10.50 3.41
N ASP A 62 7.21 -10.55 2.96
CA ASP A 62 6.89 -10.92 1.59
C ASP A 62 6.92 -9.70 0.70
N THR A 63 7.80 -9.74 -0.31
CA THR A 63 7.98 -8.61 -1.21
C THR A 63 7.02 -8.66 -2.39
N GLU A 64 5.84 -9.25 -2.19
CA GLU A 64 4.83 -9.29 -3.24
C GLU A 64 3.83 -8.17 -3.02
N VAL A 65 3.31 -7.65 -4.13
CA VAL A 65 2.49 -6.43 -4.13
C VAL A 65 1.37 -6.42 -3.10
N HIS A 66 0.64 -7.53 -2.98
CA HIS A 66 -0.51 -7.58 -2.08
C HIS A 66 -0.07 -7.53 -0.62
N ASN A 67 0.98 -8.27 -0.29
CA ASN A 67 1.51 -8.27 1.07
C ASN A 67 2.16 -6.93 1.44
N VAL A 68 2.82 -6.32 0.46
CA VAL A 68 3.46 -5.03 0.68
C VAL A 68 2.43 -3.93 0.95
N TRP A 69 1.41 -3.87 0.11
CA TRP A 69 0.36 -2.86 0.23
C TRP A 69 -0.47 -3.07 1.50
N ALA A 70 -0.83 -4.32 1.77
CA ALA A 70 -1.66 -4.64 2.92
C ALA A 70 -0.93 -4.32 4.23
N THR A 71 0.36 -4.62 4.27
CA THR A 71 1.17 -4.34 5.45
C THR A 71 1.26 -2.83 5.70
N HIS A 72 1.18 -2.06 4.61
CA HIS A 72 1.32 -0.61 4.65
C HIS A 72 -0.03 0.09 4.78
N ALA A 73 -1.12 -0.67 4.68
CA ALA A 73 -2.45 -0.07 4.73
C ALA A 73 -3.53 -0.95 5.37
N CYS A 74 -3.12 -1.86 6.27
CA CYS A 74 -4.07 -2.73 6.97
C CYS A 74 -3.50 -3.25 8.29
N VAL A 75 -4.33 -3.99 9.02
CA VAL A 75 -3.98 -4.45 10.35
C VAL A 75 -4.44 -5.89 10.60
N PRO A 76 -3.55 -6.74 11.13
CA PRO A 76 -3.81 -8.17 11.38
C PRO A 76 -5.10 -8.50 12.14
N THR A 77 -5.57 -7.62 13.02
CA THR A 77 -6.81 -7.84 13.79
C THR A 77 -6.63 -9.18 14.59
N ASP A 78 -7.64 -9.87 15.18
CA ASP A 78 -9.08 -9.61 15.15
C ASP A 78 -9.79 -9.76 16.49
N PRO A 79 -11.02 -9.22 16.59
CA PRO A 79 -11.88 -9.49 17.74
C PRO A 79 -12.38 -10.92 17.72
N ASN A 80 -12.82 -11.40 18.88
CA ASN A 80 -13.24 -12.77 19.06
C ASN A 80 -14.51 -12.84 19.90
N PRO A 81 -15.21 -13.99 19.89
CA PRO A 81 -15.00 -15.17 19.06
C PRO A 81 -16.02 -15.32 17.94
N GLN A 82 -17.25 -14.90 18.18
CA GLN A 82 -18.34 -15.13 17.24
C GLN A 82 -18.97 -13.82 16.77
N GLU A 83 -20.15 -13.94 16.17
CA GLU A 83 -20.91 -12.78 15.75
C GLU A 83 -22.18 -12.66 16.60
N VAL A 84 -22.47 -11.46 17.07
CA VAL A 84 -23.65 -11.23 17.92
C VAL A 84 -24.93 -11.42 17.11
N VAL A 85 -25.62 -12.53 17.37
CA VAL A 85 -26.85 -12.86 16.65
C VAL A 85 -28.04 -12.07 17.21
N LEU A 86 -28.87 -11.56 16.32
CA LEU A 86 -30.05 -10.79 16.71
C LEU A 86 -31.32 -11.59 16.44
N GLY A 87 -31.90 -12.16 17.49
CA GLY A 87 -33.09 -12.98 17.38
C GLY A 87 -34.34 -12.19 17.02
N ASN A 88 -35.13 -12.74 16.10
CA ASN A 88 -36.37 -12.12 15.63
C ASN A 88 -36.19 -10.67 15.18
N VAL A 89 -35.24 -10.44 14.29
CA VAL A 89 -34.98 -9.10 13.77
C VAL A 89 -34.84 -9.13 12.26
N THR A 90 -35.77 -8.45 11.56
CA THR A 90 -35.75 -8.40 10.11
C THR A 90 -35.08 -7.12 9.62
N GLU A 91 -34.20 -7.25 8.64
CA GLU A 91 -33.49 -6.11 8.09
C GLU A 91 -33.38 -6.20 6.57
N ASN A 92 -33.64 -5.08 5.88
CA ASN A 92 -33.57 -5.04 4.43
C ASN A 92 -32.15 -4.77 3.94
N PHE A 93 -31.78 -5.44 2.85
CA PHE A 93 -30.45 -5.29 2.28
C PHE A 93 -30.51 -4.90 0.81
N ASN A 94 -29.41 -4.38 0.29
CA ASN A 94 -29.33 -3.98 -1.11
C ASN A 94 -27.90 -4.03 -1.63
N MET A 95 -27.53 -5.17 -2.21
CA MET A 95 -26.18 -5.39 -2.71
C MET A 95 -25.89 -4.51 -3.94
N TRP A 96 -26.94 -4.09 -4.63
CA TRP A 96 -26.78 -3.32 -5.86
C TRP A 96 -26.70 -1.82 -5.58
N LYS A 97 -26.33 -1.46 -4.36
CA LYS A 97 -26.18 -0.05 -3.97
C LYS A 97 -25.43 0.05 -2.64
N ASN A 98 -24.52 -0.88 -2.40
CA ASN A 98 -23.73 -0.86 -1.17
C ASN A 98 -22.48 0.00 -1.35
N ASN A 99 -22.36 1.03 -0.53
CA ASN A 99 -21.23 1.95 -0.60
C ASN A 99 -19.91 1.29 -0.18
N MET A 100 -20.01 0.06 0.31
CA MET A 100 -18.82 -0.72 0.66
C MET A 100 -18.05 -1.14 -0.58
N VAL A 101 -18.78 -1.59 -1.61
CA VAL A 101 -18.18 -2.03 -2.86
C VAL A 101 -17.41 -0.89 -3.53
N ASP A 102 -17.98 0.30 -3.52
CA ASP A 102 -17.36 1.46 -4.12
C ASP A 102 -16.02 1.78 -3.45
N GLN A 103 -15.99 1.73 -2.13
CA GLN A 103 -14.76 1.99 -1.38
C GLN A 103 -13.71 0.92 -1.68
N MET A 104 -14.15 -0.34 -1.74
CA MET A 104 -13.25 -1.44 -2.05
C MET A 104 -12.73 -1.31 -3.48
N HIS A 105 -13.62 -0.95 -4.40
CA HIS A 105 -13.27 -0.76 -5.80
C HIS A 105 -12.14 0.25 -5.95
N GLU A 106 -12.21 1.32 -5.16
CA GLU A 106 -11.17 2.34 -5.16
C GLU A 106 -9.89 1.83 -4.51
N ASP A 107 -10.03 0.89 -3.59
CA ASP A 107 -8.87 0.30 -2.93
C ASP A 107 -8.15 -0.68 -3.85
N ILE A 108 -8.92 -1.46 -4.61
CA ILE A 108 -8.36 -2.40 -5.56
C ILE A 108 -7.62 -1.66 -6.68
N ILE A 109 -8.20 -0.54 -7.10
CA ILE A 109 -7.58 0.30 -8.13
C ILE A 109 -6.28 0.91 -7.61
N SER A 110 -6.33 1.48 -6.41
CA SER A 110 -5.16 2.09 -5.79
C SER A 110 -4.01 1.10 -5.64
N LEU A 111 -4.36 -0.17 -5.57
CA LEU A 111 -3.37 -1.24 -5.49
C LEU A 111 -2.57 -1.36 -6.80
N TRP A 112 -3.28 -1.62 -7.89
CA TRP A 112 -2.67 -1.79 -9.20
C TRP A 112 -1.85 -0.58 -9.64
N ASP A 113 -2.22 0.59 -9.13
CA ASP A 113 -1.52 1.83 -9.44
C ASP A 113 -0.07 1.81 -8.97
N GLU A 114 0.15 1.37 -7.74
CA GLU A 114 1.48 1.32 -7.17
C GLU A 114 2.11 -0.06 -7.36
N SER A 115 1.32 -1.00 -7.84
CA SER A 115 1.79 -2.36 -8.05
C SER A 115 2.29 -2.56 -9.48
N LEU A 116 1.42 -3.13 -10.32
CA LEU A 116 1.76 -3.39 -11.71
C LEU A 116 2.01 -2.09 -12.48
N LYS A 117 3.28 -1.78 -12.71
CA LYS A 117 3.66 -0.61 -13.49
C LYS A 117 3.75 -0.94 -14.97
N PRO A 118 2.80 -0.45 -15.77
CA PRO A 118 2.78 -0.72 -17.22
C PRO A 118 3.96 -0.08 -17.95
N CYS A 119 4.25 -0.53 -19.16
CA CYS A 119 5.28 0.09 -19.97
C CYS A 119 4.72 1.33 -20.67
N VAL A 120 3.52 1.21 -21.21
CA VAL A 120 2.85 2.31 -21.88
C VAL A 120 1.42 2.45 -21.36
N LYS A 121 0.97 3.69 -21.18
CA LYS A 121 -0.39 3.93 -20.68
C LYS A 121 -1.11 4.96 -21.54
N LEU A 122 -2.19 4.55 -22.18
CA LEU A 122 -2.98 5.43 -23.04
C LEU A 122 -4.29 5.81 -22.36
N THR A 123 -4.42 7.06 -21.94
CA THR A 123 -5.63 7.52 -21.26
C THR A 123 -6.08 8.89 -21.73
N GLY A 124 -7.07 8.92 -22.62
CA GLY A 124 -7.63 10.16 -23.12
C GLY A 124 -6.67 10.95 -23.99
N GLY A 125 -6.12 10.28 -25.00
CA GLY A 125 -5.18 10.92 -25.91
C GLY A 125 -3.84 11.21 -25.26
N SER A 126 -3.60 10.60 -24.11
CA SER A 126 -2.36 10.80 -23.37
C SER A 126 -1.50 9.55 -23.37
N VAL A 127 -0.25 9.69 -23.78
CA VAL A 127 0.67 8.56 -23.80
C VAL A 127 1.68 8.68 -22.66
N ILE A 128 1.82 7.62 -21.87
CA ILE A 128 2.74 7.62 -20.74
C ILE A 128 3.60 6.36 -20.72
N THR A 129 4.90 6.53 -20.88
CA THR A 129 5.83 5.40 -20.84
C THR A 129 6.67 5.43 -19.56
N GLN A 130 6.97 4.25 -19.04
CA GLN A 130 7.71 4.12 -17.79
C GLN A 130 8.28 2.71 -17.64
N ALA A 131 9.07 2.50 -16.59
CA ALA A 131 9.66 1.19 -16.32
C ALA A 131 8.58 0.17 -15.95
N CYS A 132 8.78 -1.06 -16.36
CA CYS A 132 7.81 -2.12 -16.07
C CYS A 132 8.46 -3.40 -15.54
N PRO A 133 8.99 -3.35 -14.31
CA PRO A 133 9.61 -4.54 -13.70
C PRO A 133 8.58 -5.60 -13.33
N LYS A 134 8.91 -6.86 -13.57
CA LYS A 134 8.02 -7.97 -13.22
C LYS A 134 8.02 -8.19 -11.71
N VAL A 135 6.84 -8.48 -11.16
CA VAL A 135 6.70 -8.68 -9.72
C VAL A 135 5.64 -9.74 -9.43
N SER A 136 5.86 -10.51 -8.37
CA SER A 136 4.90 -11.53 -7.93
C SER A 136 3.53 -10.92 -7.68
N PHE A 137 2.50 -11.56 -8.22
CA PHE A 137 1.14 -11.05 -8.10
C PHE A 137 0.17 -12.15 -7.65
N GLN A 138 -0.10 -12.19 -6.35
CA GLN A 138 -1.05 -13.15 -5.80
C GLN A 138 -1.96 -12.49 -4.77
N PRO A 139 -3.23 -12.29 -5.13
CA PRO A 139 -4.25 -11.66 -4.27
C PRO A 139 -4.31 -12.29 -2.87
N ILE A 140 -4.51 -11.44 -1.86
CA ILE A 140 -4.55 -11.90 -0.48
C ILE A 140 -5.87 -11.48 0.17
N PRO A 141 -6.53 -12.42 0.85
CA PRO A 141 -7.80 -12.19 1.55
C PRO A 141 -7.77 -10.93 2.42
N ILE A 142 -8.76 -10.06 2.24
CA ILE A 142 -8.81 -8.81 2.98
C ILE A 142 -10.14 -8.68 3.71
N HIS A 143 -10.07 -8.35 5.00
CA HIS A 143 -11.26 -8.22 5.83
C HIS A 143 -11.57 -6.74 6.10
N TYR A 144 -12.53 -6.19 5.35
CA TYR A 144 -12.93 -4.80 5.56
C TYR A 144 -13.71 -4.64 6.86
N CYS A 145 -13.16 -3.83 7.76
CA CYS A 145 -13.76 -3.66 9.09
C CYS A 145 -14.34 -2.27 9.26
N VAL A 146 -15.26 -2.12 10.21
CA VAL A 146 -15.87 -0.83 10.50
C VAL A 146 -15.25 -0.20 11.74
N PRO A 147 -14.93 1.10 11.67
CA PRO A 147 -14.33 1.87 12.76
C PRO A 147 -15.19 1.93 14.02
N ALA A 148 -14.77 2.74 14.99
CA ALA A 148 -15.52 2.87 16.24
C ALA A 148 -16.76 3.73 16.03
N GLY A 149 -17.89 3.28 16.56
CA GLY A 149 -19.13 4.03 16.46
C GLY A 149 -20.19 3.34 15.62
N PHE A 150 -19.76 2.73 14.52
CA PHE A 150 -20.68 2.06 13.61
C PHE A 150 -20.67 0.55 13.83
N ALA A 151 -21.38 -0.17 12.98
CA ALA A 151 -21.46 -1.62 13.07
C ALA A 151 -21.79 -2.23 11.71
N ILE A 152 -21.54 -3.54 11.58
CA ILE A 152 -21.81 -4.23 10.32
C ILE A 152 -22.83 -5.36 10.50
N LEU A 153 -23.95 -5.24 9.80
CA LEU A 153 -25.00 -6.24 9.86
C LEU A 153 -24.77 -7.30 8.80
N LYS A 154 -24.76 -8.56 9.22
CA LYS A 154 -24.50 -9.67 8.31
C LYS A 154 -25.71 -10.60 8.22
N CYS A 155 -26.09 -10.95 6.99
CA CYS A 155 -27.23 -11.83 6.77
C CYS A 155 -26.80 -13.30 6.88
N ASN A 156 -27.32 -13.99 7.89
CA ASN A 156 -26.97 -15.39 8.12
C ASN A 156 -27.74 -16.34 7.20
N ASN A 157 -28.76 -15.82 6.53
CA ASN A 157 -29.56 -16.61 5.60
C ASN A 157 -28.70 -17.14 4.46
N LYS A 158 -28.55 -18.46 4.41
CA LYS A 158 -27.70 -19.11 3.41
C LYS A 158 -28.25 -18.89 1.99
N THR A 159 -29.57 -18.89 1.85
CA THR A 159 -30.20 -18.64 0.57
C THR A 159 -30.73 -17.21 0.52
N PHE A 160 -29.83 -16.26 0.27
CA PHE A 160 -30.20 -14.85 0.22
C PHE A 160 -29.85 -14.25 -1.13
N ASN A 161 -30.83 -13.65 -1.80
CA ASN A 161 -30.64 -13.10 -3.13
C ASN A 161 -29.87 -11.79 -3.14
N GLY A 162 -29.67 -11.20 -1.96
CA GLY A 162 -28.91 -9.97 -1.85
C GLY A 162 -29.79 -8.75 -1.68
N SER A 163 -31.02 -8.83 -2.18
CA SER A 163 -31.95 -7.71 -2.10
C SER A 163 -33.30 -8.14 -1.52
N GLY A 164 -33.64 -7.61 -0.36
CA GLY A 164 -34.90 -7.93 0.29
C GLY A 164 -34.74 -8.16 1.78
N PRO A 165 -35.86 -8.46 2.46
CA PRO A 165 -35.88 -8.71 3.91
C PRO A 165 -35.03 -9.92 4.32
N CYS A 166 -34.28 -9.77 5.40
CA CYS A 166 -33.48 -10.86 5.93
C CYS A 166 -33.86 -11.16 7.37
N THR A 167 -34.56 -12.26 7.58
CA THR A 167 -35.08 -12.61 8.90
C THR A 167 -34.09 -13.44 9.72
N ASN A 168 -32.80 -13.09 9.59
CA ASN A 168 -31.74 -13.76 10.35
C ASN A 168 -30.41 -13.01 10.21
N VAL A 169 -30.32 -11.85 10.85
CA VAL A 169 -29.11 -11.03 10.75
C VAL A 169 -28.18 -11.22 11.93
N SER A 170 -27.09 -10.44 11.95
CA SER A 170 -26.11 -10.50 13.03
C SER A 170 -25.24 -9.25 13.02
N THR A 171 -24.31 -9.17 13.96
CA THR A 171 -23.41 -8.02 14.04
C THR A 171 -21.95 -8.46 14.02
N VAL A 172 -21.25 -8.09 12.96
CA VAL A 172 -19.84 -8.45 12.82
C VAL A 172 -18.96 -7.21 12.95
N GLN A 173 -17.70 -7.42 13.33
CA GLN A 173 -16.74 -6.34 13.42
C GLN A 173 -16.10 -6.10 12.06
N CYS A 174 -15.81 -7.19 11.35
CA CYS A 174 -15.19 -7.12 10.04
C CYS A 174 -15.75 -8.20 9.12
N THR A 175 -15.45 -8.09 7.83
CA THR A 175 -15.92 -9.07 6.85
C THR A 175 -15.07 -10.35 6.88
N HIS A 176 -15.38 -11.27 5.98
CA HIS A 176 -14.63 -12.52 5.89
C HIS A 176 -13.46 -12.38 4.93
N GLY A 177 -12.88 -13.52 4.54
CA GLY A 177 -11.75 -13.51 3.62
C GLY A 177 -12.17 -13.20 2.20
N ILE A 178 -11.75 -12.04 1.70
CA ILE A 178 -12.10 -11.62 0.36
C ILE A 178 -10.85 -11.30 -0.47
N ARG A 179 -10.62 -12.11 -1.50
CA ARG A 179 -9.46 -11.93 -2.36
C ARG A 179 -9.76 -10.99 -3.52
N PRO A 180 -8.86 -10.04 -3.79
CA PRO A 180 -8.97 -9.09 -4.90
C PRO A 180 -8.83 -9.76 -6.26
N VAL A 181 -9.73 -10.67 -6.59
CA VAL A 181 -9.66 -11.41 -7.84
C VAL A 181 -10.24 -10.59 -8.99
N VAL A 182 -9.37 -10.15 -9.89
CA VAL A 182 -9.79 -9.39 -11.06
C VAL A 182 -9.91 -10.32 -12.27
N SER A 183 -11.14 -10.58 -12.68
CA SER A 183 -11.39 -11.48 -13.80
C SER A 183 -12.72 -11.19 -14.50
N THR A 184 -13.05 -12.01 -15.48
CA THR A 184 -14.29 -11.87 -16.24
C THR A 184 -14.85 -13.24 -16.57
N GLN A 185 -16.18 -13.32 -16.67
CA GLN A 185 -16.94 -14.54 -16.98
C GLN A 185 -16.95 -15.54 -15.83
N LEU A 186 -15.80 -15.78 -15.21
CA LEU A 186 -15.71 -16.77 -14.14
C LEU A 186 -15.08 -16.19 -12.89
N LEU A 187 -15.88 -16.04 -11.83
CA LEU A 187 -15.38 -15.59 -10.55
C LEU A 187 -14.46 -16.66 -9.96
N LEU A 188 -13.25 -16.25 -9.60
CA LEU A 188 -12.26 -17.19 -9.12
C LEU A 188 -11.99 -16.97 -7.64
N ASN A 189 -11.80 -18.07 -6.90
CA ASN A 189 -11.34 -18.00 -5.52
C ASN A 189 -12.23 -17.21 -4.60
N GLY A 190 -13.54 -17.39 -4.75
CA GLY A 190 -14.51 -16.67 -3.95
C GLY A 190 -15.05 -17.52 -2.82
N SER A 191 -16.32 -17.27 -2.49
CA SER A 191 -16.98 -17.98 -1.41
C SER A 191 -18.13 -18.82 -1.94
N LEU A 192 -18.12 -20.11 -1.61
CA LEU A 192 -19.16 -21.03 -2.05
C LEU A 192 -20.44 -20.86 -1.24
N ALA A 193 -21.56 -21.23 -1.84
CA ALA A 193 -22.85 -21.20 -1.15
C ALA A 193 -22.92 -22.31 -0.11
N GLU A 194 -23.57 -22.03 1.01
CA GLU A 194 -23.63 -22.97 2.11
C GLU A 194 -24.70 -24.05 1.87
N GLU A 195 -25.64 -23.75 0.98
CA GLU A 195 -26.69 -24.70 0.62
C GLU A 195 -26.70 -24.98 -0.87
N ASP A 196 -27.67 -24.41 -1.57
CA ASP A 196 -27.78 -24.56 -3.01
C ASP A 196 -27.14 -23.36 -3.72
N ILE A 197 -26.93 -23.49 -5.03
CA ILE A 197 -26.37 -22.41 -5.79
C ILE A 197 -27.36 -21.24 -5.88
N VAL A 198 -26.83 -20.02 -5.83
CA VAL A 198 -27.69 -18.83 -5.83
C VAL A 198 -27.35 -17.90 -6.98
N ILE A 199 -28.37 -17.52 -7.74
CA ILE A 199 -28.20 -16.56 -8.83
C ILE A 199 -28.79 -15.20 -8.42
N ARG A 200 -28.06 -14.13 -8.74
CA ARG A 200 -28.48 -12.80 -8.34
C ARG A 200 -28.43 -11.83 -9.51
N SER A 201 -29.36 -10.88 -9.52
CA SER A 201 -29.42 -9.86 -10.55
C SER A 201 -30.24 -8.68 -10.08
N GLU A 202 -29.73 -7.46 -10.33
CA GLU A 202 -30.43 -6.24 -9.96
C GLU A 202 -31.80 -6.18 -10.63
N ASP A 203 -31.91 -6.84 -11.78
CA ASP A 203 -33.16 -6.92 -12.52
C ASP A 203 -33.11 -8.05 -13.55
N PHE A 204 -33.71 -9.18 -13.21
CA PHE A 204 -33.75 -10.33 -14.12
C PHE A 204 -34.51 -10.00 -15.41
N THR A 205 -35.50 -9.14 -15.30
CA THR A 205 -36.28 -8.71 -16.46
C THR A 205 -35.39 -8.00 -17.48
N ASP A 206 -34.63 -7.02 -17.02
CA ASP A 206 -33.71 -6.29 -17.89
C ASP A 206 -32.54 -7.19 -18.30
N ASN A 207 -32.47 -7.49 -19.60
CA ASN A 207 -31.45 -8.39 -20.11
C ASN A 207 -30.06 -7.75 -20.14
N VAL A 208 -30.02 -6.44 -19.94
CA VAL A 208 -28.76 -5.70 -19.97
C VAL A 208 -28.04 -5.76 -18.62
N LYS A 209 -28.62 -6.49 -17.67
CA LYS A 209 -28.03 -6.62 -16.35
C LYS A 209 -27.26 -7.93 -16.20
N THR A 210 -26.33 -7.94 -15.25
CA THR A 210 -25.47 -9.11 -15.03
C THR A 210 -26.10 -10.07 -14.02
N ILE A 211 -25.90 -11.37 -14.23
CA ILE A 211 -26.40 -12.38 -13.31
C ILE A 211 -25.26 -13.00 -12.51
N ILE A 212 -25.08 -12.54 -11.28
CA ILE A 212 -24.03 -13.05 -10.41
C ILE A 212 -24.40 -14.43 -9.87
N VAL A 213 -23.73 -15.46 -10.39
CA VAL A 213 -24.00 -16.84 -9.99
C VAL A 213 -23.01 -17.30 -8.93
N GLN A 214 -23.54 -17.90 -7.87
CA GLN A 214 -22.69 -18.45 -6.82
C GLN A 214 -22.81 -19.97 -6.80
N LEU A 215 -21.67 -20.65 -6.81
CA LEU A 215 -21.67 -22.11 -6.80
C LEU A 215 -21.52 -22.65 -5.39
N ASN A 216 -22.11 -23.81 -5.15
CA ASN A 216 -22.01 -24.46 -3.85
C ASN A 216 -20.88 -25.46 -3.85
N GLU A 217 -20.38 -25.77 -5.05
CA GLU A 217 -19.27 -26.70 -5.24
C GLU A 217 -18.24 -26.08 -6.18
N SER A 218 -16.99 -26.03 -5.75
CA SER A 218 -15.94 -25.37 -6.52
C SER A 218 -15.41 -26.25 -7.65
N VAL A 219 -15.25 -25.64 -8.82
CA VAL A 219 -14.68 -26.33 -9.98
C VAL A 219 -13.26 -25.85 -10.23
N VAL A 220 -12.33 -26.79 -10.27
CA VAL A 220 -10.90 -26.46 -10.41
C VAL A 220 -10.52 -26.21 -11.87
N ILE A 221 -9.76 -25.15 -12.10
CA ILE A 221 -9.26 -24.83 -13.44
C ILE A 221 -7.74 -24.64 -13.43
N ASN A 222 -7.06 -25.39 -14.29
CA ASN A 222 -5.61 -25.36 -14.30
C ASN A 222 -5.03 -24.74 -15.56
N CYS A 223 -4.46 -23.55 -15.40
CA CYS A 223 -3.84 -22.83 -16.50
C CYS A 223 -2.31 -22.88 -16.34
N THR A 224 -1.62 -23.42 -17.34
CA THR A 224 -0.17 -23.55 -17.29
C THR A 224 0.46 -23.20 -18.62
N ARG A 225 1.56 -22.49 -18.53
CA ARG A 225 2.37 -22.20 -19.68
C ARG A 225 3.58 -23.13 -19.71
N PRO A 226 3.53 -24.15 -20.57
CA PRO A 226 4.68 -25.04 -20.73
C PRO A 226 5.93 -24.25 -21.14
N ASN A 227 7.11 -24.73 -20.74
CA ASN A 227 8.47 -24.23 -21.05
C ASN A 227 9.24 -23.92 -19.77
N ILE A 252 7.71 -20.97 -28.36
CA ILE A 252 6.41 -20.32 -28.38
C ILE A 252 5.97 -19.90 -26.98
N ARG A 253 5.01 -18.97 -26.92
CA ARG A 253 4.47 -18.46 -25.68
C ARG A 253 2.94 -18.64 -25.62
N GLN A 254 2.48 -19.87 -25.49
CA GLN A 254 1.04 -20.14 -25.47
C GLN A 254 0.63 -20.88 -24.20
N ALA A 255 -0.63 -20.70 -23.80
CA ALA A 255 -1.14 -21.34 -22.58
C ALA A 255 -2.46 -22.04 -22.83
N HIS A 256 -2.89 -22.82 -21.84
CA HIS A 256 -4.13 -23.58 -21.94
C HIS A 256 -4.66 -23.91 -20.55
N CYS A 257 -5.98 -24.04 -20.44
CA CYS A 257 -6.60 -24.33 -19.16
C CYS A 257 -7.27 -25.69 -19.13
N ASN A 258 -7.48 -26.19 -17.92
CA ASN A 258 -8.07 -27.51 -17.73
C ASN A 258 -9.26 -27.51 -16.81
N ILE A 259 -10.36 -28.05 -17.32
CA ILE A 259 -11.59 -28.13 -16.55
C ILE A 259 -12.25 -29.49 -16.69
N SER A 260 -12.44 -30.15 -15.55
CA SER A 260 -13.06 -31.46 -15.50
C SER A 260 -14.40 -31.42 -16.16
N ARG A 261 -14.50 -32.17 -17.23
CA ARG A 261 -15.67 -32.15 -18.05
C ARG A 261 -16.86 -32.75 -17.33
N ALA A 262 -16.55 -33.74 -16.50
CA ALA A 262 -17.58 -34.43 -15.74
C ALA A 262 -18.23 -33.50 -14.73
N LYS A 263 -17.39 -32.87 -13.92
CA LYS A 263 -17.87 -32.02 -12.86
C LYS A 263 -18.50 -30.73 -13.41
N TRP A 264 -17.88 -30.16 -14.44
CA TRP A 264 -18.36 -28.90 -15.03
C TRP A 264 -19.73 -29.05 -15.65
N ASN A 265 -20.01 -30.25 -16.16
CA ASN A 265 -21.31 -30.60 -16.71
C ASN A 265 -22.42 -30.37 -15.73
N ASN A 266 -22.33 -31.11 -14.63
CA ASN A 266 -23.33 -31.08 -13.57
C ASN A 266 -23.46 -29.69 -12.98
N THR A 267 -22.36 -28.95 -13.00
CA THR A 267 -22.37 -27.57 -12.54
C THR A 267 -23.29 -26.74 -13.43
N LEU A 268 -23.18 -26.93 -14.75
CA LEU A 268 -24.07 -26.27 -15.68
C LEU A 268 -25.51 -26.71 -15.44
N GLN A 269 -25.70 -28.02 -15.19
CA GLN A 269 -27.04 -28.56 -14.89
C GLN A 269 -27.71 -27.78 -13.77
N GLN A 270 -26.98 -27.64 -12.67
CA GLN A 270 -27.45 -26.93 -11.50
C GLN A 270 -27.82 -25.48 -11.85
N ILE A 271 -26.97 -24.82 -12.64
CA ILE A 271 -27.22 -23.45 -13.02
C ILE A 271 -28.48 -23.35 -13.87
N VAL A 272 -28.70 -24.36 -14.69
CA VAL A 272 -29.83 -24.39 -15.61
C VAL A 272 -31.17 -24.49 -14.90
N ILE A 273 -31.29 -25.45 -13.99
CA ILE A 273 -32.54 -25.66 -13.27
C ILE A 273 -32.89 -24.43 -12.43
N LYS A 274 -31.87 -23.65 -12.08
CA LYS A 274 -32.09 -22.40 -11.35
C LYS A 274 -32.59 -21.30 -12.27
N LEU A 275 -32.01 -21.23 -13.46
CA LEU A 275 -32.45 -20.25 -14.47
C LEU A 275 -33.85 -20.58 -14.95
N ARG A 276 -34.09 -21.86 -15.21
CA ARG A 276 -35.40 -22.33 -15.64
C ARG A 276 -36.47 -22.04 -14.58
N GLU A 277 -36.05 -22.05 -13.32
CA GLU A 277 -36.96 -21.80 -12.20
C GLU A 277 -37.35 -20.33 -12.11
N LYS A 278 -36.39 -19.45 -12.37
CA LYS A 278 -36.63 -18.01 -12.29
C LYS A 278 -37.42 -17.50 -13.50
N PHE A 279 -37.37 -18.27 -14.59
CA PHE A 279 -38.09 -17.90 -15.82
C PHE A 279 -39.23 -18.87 -16.11
N ARG A 280 -40.03 -19.13 -15.08
CA ARG A 280 -41.20 -20.04 -15.11
C ARG A 280 -41.00 -21.37 -15.86
N ASN A 281 -40.91 -21.32 -17.19
CA ASN A 281 -40.87 -22.54 -17.99
C ASN A 281 -40.26 -22.33 -19.36
N LYS A 282 -38.94 -22.39 -19.42
CA LYS A 282 -38.23 -22.23 -20.69
C LYS A 282 -37.04 -23.15 -20.79
N THR A 283 -36.51 -23.22 -22.01
CA THR A 283 -35.37 -24.05 -22.36
C THR A 283 -34.08 -23.27 -22.21
N ILE A 284 -33.17 -23.74 -21.35
CA ILE A 284 -31.93 -23.00 -21.12
C ILE A 284 -30.81 -23.48 -22.03
N ALA A 285 -30.20 -22.55 -22.75
CA ALA A 285 -29.12 -22.88 -23.67
C ALA A 285 -27.99 -21.87 -23.58
N PHE A 286 -26.79 -22.35 -23.28
CA PHE A 286 -25.63 -21.49 -23.14
C PHE A 286 -24.94 -21.21 -24.47
N ASN A 287 -24.43 -19.99 -24.65
CA ASN A 287 -23.61 -19.67 -25.82
C ASN A 287 -22.34 -18.92 -25.53
N GLN A 288 -21.44 -18.89 -26.51
CA GLN A 288 -20.22 -18.12 -26.41
C GLN A 288 -20.54 -16.63 -26.32
N SER A 289 -19.52 -15.82 -26.06
CA SER A 289 -19.69 -14.38 -25.94
C SER A 289 -20.18 -13.78 -27.25
N SER A 290 -21.12 -12.85 -27.15
CA SER A 290 -21.70 -12.22 -28.33
C SER A 290 -20.71 -11.30 -29.03
N GLY A 291 -19.61 -10.99 -28.35
CA GLY A 291 -18.58 -10.16 -28.93
C GLY A 291 -18.21 -8.98 -28.04
N GLY A 292 -17.23 -8.20 -28.48
CA GLY A 292 -16.78 -7.05 -27.74
C GLY A 292 -15.26 -6.99 -27.62
N ASP A 293 -14.78 -6.75 -26.40
CA ASP A 293 -13.34 -6.68 -26.15
C ASP A 293 -12.79 -8.04 -25.76
N PRO A 294 -11.48 -8.28 -26.00
CA PRO A 294 -10.83 -9.54 -25.65
C PRO A 294 -10.98 -9.90 -24.16
N GLU A 295 -11.15 -8.88 -23.32
CA GLU A 295 -11.30 -9.08 -21.89
C GLU A 295 -12.74 -9.46 -21.55
N ILE A 296 -13.64 -9.35 -22.53
CA ILE A 296 -15.04 -9.69 -22.33
C ILE A 296 -15.40 -10.96 -23.07
N VAL A 297 -14.91 -11.08 -24.30
CA VAL A 297 -15.20 -12.24 -25.13
C VAL A 297 -14.59 -13.51 -24.54
N MET A 298 -13.40 -13.38 -23.99
CA MET A 298 -12.71 -14.52 -23.38
C MET A 298 -12.52 -14.34 -21.88
N HIS A 299 -12.27 -15.45 -21.19
CA HIS A 299 -12.04 -15.43 -19.75
C HIS A 299 -10.71 -14.78 -19.40
N SER A 300 -10.75 -13.49 -19.10
CA SER A 300 -9.54 -12.73 -18.75
C SER A 300 -9.31 -12.77 -17.25
N PHE A 301 -8.06 -13.03 -16.85
CA PHE A 301 -7.70 -13.09 -15.44
C PHE A 301 -6.20 -12.90 -15.24
N ASN A 302 -5.81 -12.52 -14.03
CA ASN A 302 -4.40 -12.33 -13.70
C ASN A 302 -3.83 -13.56 -12.99
N CYS A 303 -2.72 -14.05 -13.50
CA CYS A 303 -2.07 -15.24 -12.94
C CYS A 303 -0.55 -15.11 -12.96
N GLY A 304 0.00 -14.58 -11.87
CA GLY A 304 1.45 -14.42 -11.75
C GLY A 304 1.95 -13.16 -12.42
N GLY A 305 1.15 -12.09 -12.37
CA GLY A 305 1.53 -10.83 -12.97
C GLY A 305 1.35 -10.83 -14.47
N GLU A 306 0.70 -11.87 -14.99
CA GLU A 306 0.45 -11.98 -16.42
C GLU A 306 -1.03 -12.05 -16.72
N PHE A 307 -1.43 -11.42 -17.83
CA PHE A 307 -2.83 -11.39 -18.21
C PHE A 307 -3.15 -12.49 -19.23
N PHE A 308 -4.09 -13.35 -18.88
CA PHE A 308 -4.45 -14.47 -19.73
C PHE A 308 -5.79 -14.27 -20.43
N TYR A 309 -5.86 -14.72 -21.68
CA TYR A 309 -7.09 -14.66 -22.45
C TYR A 309 -7.45 -16.04 -22.98
N CYS A 310 -8.34 -16.73 -22.27
CA CYS A 310 -8.67 -18.10 -22.60
C CYS A 310 -10.05 -18.23 -23.23
N ASN A 311 -10.11 -18.85 -24.40
CA ASN A 311 -11.38 -19.06 -25.09
C ASN A 311 -12.24 -20.08 -24.37
N THR A 312 -13.45 -19.68 -23.99
CA THR A 312 -14.36 -20.55 -23.27
C THR A 312 -15.60 -20.85 -24.11
N ALA A 313 -15.38 -21.21 -25.38
CA ALA A 313 -16.48 -21.55 -26.27
C ALA A 313 -16.93 -22.99 -26.03
N GLN A 314 -16.05 -23.79 -25.44
CA GLN A 314 -16.35 -25.18 -25.15
C GLN A 314 -17.16 -25.31 -23.87
N LEU A 315 -16.96 -24.36 -22.96
CA LEU A 315 -17.66 -24.35 -21.68
C LEU A 315 -19.12 -23.97 -21.85
N PHE A 316 -19.36 -22.84 -22.54
CA PHE A 316 -20.71 -22.34 -22.74
C PHE A 316 -21.25 -22.74 -24.11
N ASN A 317 -21.52 -24.02 -24.29
CA ASN A 317 -22.07 -24.53 -25.55
C ASN A 317 -22.87 -25.80 -25.30
N SER A 318 -23.99 -25.67 -24.59
CA SER A 318 -24.84 -26.80 -24.27
C SER A 318 -26.32 -26.42 -24.33
N THR A 319 -27.17 -27.42 -24.51
CA THR A 319 -28.61 -27.20 -24.52
C THR A 319 -29.34 -28.14 -23.58
N TRP A 320 -30.22 -27.53 -22.80
CA TRP A 320 -31.01 -28.14 -21.77
C TRP A 320 -32.46 -28.12 -22.12
N ASN A 321 -33.07 -29.31 -22.18
CA ASN A 321 -34.49 -29.53 -22.47
C ASN A 321 -34.68 -30.89 -23.14
N VAL A 322 -34.43 -31.95 -22.37
CA VAL A 322 -34.49 -33.35 -22.81
C VAL A 322 -33.17 -33.74 -23.46
N THR A 326 -30.00 -32.95 -23.44
CA THR A 326 -29.30 -33.38 -24.65
C THR A 326 -29.16 -32.25 -25.70
N ASN A 327 -28.18 -32.44 -26.59
CA ASN A 327 -27.88 -31.65 -27.80
C ASN A 327 -26.44 -31.83 -28.19
N GLY A 328 -25.56 -31.22 -27.39
CA GLY A 328 -24.15 -31.15 -27.69
C GLY A 328 -23.33 -31.44 -26.46
N THR A 329 -22.67 -32.58 -26.50
CA THR A 329 -21.83 -33.01 -25.40
C THR A 329 -20.44 -33.23 -25.96
N GLU A 330 -19.45 -32.57 -25.38
CA GLU A 330 -18.06 -32.83 -25.72
C GLU A 330 -17.40 -33.76 -24.70
N GLY A 331 -16.31 -34.42 -25.10
CA GLY A 331 -15.72 -35.53 -24.36
C GLY A 331 -14.25 -35.35 -24.03
N ASN A 332 -13.38 -36.16 -24.62
CA ASN A 332 -11.94 -36.01 -24.42
C ASN A 332 -11.48 -35.93 -22.96
N ASP A 333 -12.16 -36.67 -22.07
CA ASP A 333 -11.83 -36.72 -20.64
C ASP A 333 -12.02 -35.35 -19.97
N ILE A 334 -11.12 -34.42 -20.23
CA ILE A 334 -11.21 -33.09 -19.63
C ILE A 334 -11.19 -32.00 -20.71
N ILE A 335 -11.69 -30.82 -20.35
CA ILE A 335 -11.78 -29.71 -21.30
C ILE A 335 -10.48 -28.90 -21.33
N THR A 336 -10.02 -28.60 -22.54
CA THR A 336 -8.82 -27.78 -22.72
C THR A 336 -9.15 -26.50 -23.47
N LEU A 337 -8.85 -25.36 -22.86
CA LEU A 337 -9.17 -24.07 -23.45
C LEU A 337 -7.94 -23.37 -24.01
N GLN A 338 -8.06 -22.90 -25.26
CA GLN A 338 -6.96 -22.17 -25.90
C GLN A 338 -6.76 -20.81 -25.25
N CYS A 339 -5.58 -20.59 -24.70
CA CYS A 339 -5.27 -19.33 -24.02
C CYS A 339 -3.97 -18.71 -24.53
N ARG A 340 -3.75 -17.45 -24.16
CA ARG A 340 -2.54 -16.74 -24.58
C ARG A 340 -2.33 -15.48 -23.72
N ILE A 341 -1.10 -15.00 -23.68
CA ILE A 341 -0.75 -13.85 -22.85
C ILE A 341 -0.54 -12.61 -23.73
N LYS A 342 -1.27 -11.55 -23.42
CA LYS A 342 -1.17 -10.31 -24.18
C LYS A 342 -0.48 -9.21 -23.37
N GLN A 343 0.37 -8.43 -24.03
CA GLN A 343 1.05 -7.33 -23.39
C GLN A 343 0.18 -6.08 -23.45
N ILE A 344 -0.49 -5.89 -24.58
CA ILE A 344 -1.40 -4.76 -24.76
C ILE A 344 -2.80 -5.13 -24.29
N ILE A 345 -3.18 -4.64 -23.12
CA ILE A 345 -4.49 -4.95 -22.56
C ILE A 345 -5.32 -3.68 -22.38
N ASN A 346 -6.63 -3.87 -22.16
CA ASN A 346 -7.51 -2.75 -21.88
C ASN A 346 -7.72 -2.57 -20.38
N MET A 347 -7.36 -1.39 -19.89
CA MET A 347 -7.48 -1.07 -18.47
C MET A 347 -8.90 -1.31 -17.96
N TRP A 348 -9.00 -1.89 -16.77
CA TRP A 348 -10.30 -2.15 -16.16
C TRP A 348 -10.68 -1.01 -15.23
N GLN A 349 -9.69 -0.28 -14.74
CA GLN A 349 -9.91 0.87 -13.88
C GLN A 349 -10.72 1.93 -14.60
N LYS A 350 -10.06 2.65 -15.51
CA LYS A 350 -10.73 3.66 -16.32
C LYS A 350 -10.56 3.36 -17.81
N VAL A 351 -11.14 4.21 -18.64
CA VAL A 351 -11.07 4.01 -20.08
C VAL A 351 -9.67 4.26 -20.62
N GLY A 352 -9.09 3.23 -21.23
CA GLY A 352 -7.76 3.34 -21.81
C GLY A 352 -7.07 2.01 -22.00
N LYS A 353 -5.87 2.05 -22.58
CA LYS A 353 -5.08 0.85 -22.82
C LYS A 353 -3.81 0.84 -21.99
N ALA A 354 -3.05 -0.25 -22.10
CA ALA A 354 -1.78 -0.40 -21.37
C ALA A 354 -0.96 -1.56 -21.92
N MET A 355 0.28 -1.26 -22.32
CA MET A 355 1.19 -2.29 -22.80
C MET A 355 2.21 -2.65 -21.73
N TYR A 356 2.49 -3.94 -21.57
CA TYR A 356 3.44 -4.41 -20.57
C TYR A 356 4.64 -5.10 -21.20
N ALA A 357 5.55 -5.56 -20.35
CA ALA A 357 6.77 -6.23 -20.79
C ALA A 357 6.48 -7.65 -21.27
N PRO A 358 7.33 -8.17 -22.19
CA PRO A 358 7.21 -9.54 -22.71
C PRO A 358 7.06 -10.60 -21.62
N PRO A 359 6.48 -11.77 -21.96
CA PRO A 359 6.25 -12.85 -20.99
C PRO A 359 7.54 -13.29 -20.29
N ILE A 360 7.39 -13.83 -19.08
CA ILE A 360 8.54 -14.30 -18.32
C ILE A 360 9.12 -15.57 -18.96
N THR A 361 10.45 -15.65 -18.98
CA THR A 361 11.13 -16.81 -19.55
C THR A 361 10.82 -18.08 -18.76
N GLY A 362 10.52 -17.92 -17.47
CA GLY A 362 10.23 -19.05 -16.61
C GLY A 362 8.85 -19.62 -16.85
N GLN A 363 8.54 -20.70 -16.16
CA GLN A 363 7.23 -21.33 -16.31
C GLN A 363 6.18 -20.66 -15.42
N ILE A 364 4.93 -20.76 -15.83
CA ILE A 364 3.83 -20.16 -15.07
C ILE A 364 2.71 -21.16 -14.82
N ARG A 365 2.61 -21.64 -13.58
CA ARG A 365 1.55 -22.55 -13.18
C ARG A 365 0.60 -21.89 -12.17
N CYS A 366 -0.69 -21.93 -12.47
CA CYS A 366 -1.69 -21.33 -11.60
C CYS A 366 -3.00 -22.12 -11.62
N SER A 367 -3.35 -22.70 -10.49
CA SER A 367 -4.60 -23.45 -10.37
C SER A 367 -5.62 -22.66 -9.56
N SER A 368 -6.69 -22.23 -10.22
CA SER A 368 -7.71 -21.43 -9.57
C SER A 368 -8.98 -22.22 -9.29
N ASN A 369 -9.98 -21.51 -8.78
CA ASN A 369 -11.23 -22.14 -8.35
C ASN A 369 -12.46 -21.38 -8.79
N ILE A 370 -13.20 -21.97 -9.74
CA ILE A 370 -14.39 -21.34 -10.25
C ILE A 370 -15.54 -21.47 -9.25
N THR A 371 -15.68 -20.47 -8.39
CA THR A 371 -16.71 -20.48 -7.36
C THR A 371 -17.87 -19.55 -7.70
N GLY A 372 -17.79 -18.92 -8.87
CA GLY A 372 -18.81 -17.99 -9.29
C GLY A 372 -18.79 -17.74 -10.79
N LEU A 373 -19.92 -17.31 -11.33
CA LEU A 373 -20.04 -17.05 -12.77
C LEU A 373 -20.76 -15.74 -13.05
N LEU A 374 -20.31 -15.04 -14.07
CA LEU A 374 -20.94 -13.80 -14.51
C LEU A 374 -21.60 -14.01 -15.87
N LEU A 375 -22.93 -14.08 -15.89
CA LEU A 375 -23.65 -14.37 -17.12
C LEU A 375 -24.56 -13.23 -17.55
N THR A 376 -24.82 -13.16 -18.85
CA THR A 376 -25.73 -12.16 -19.40
C THR A 376 -26.78 -12.83 -20.27
N ARG A 377 -28.03 -12.42 -20.11
CA ARG A 377 -29.13 -13.03 -20.84
C ARG A 377 -29.51 -12.21 -22.08
N ASP A 378 -29.84 -12.91 -23.16
CA ASP A 378 -30.34 -12.26 -24.37
C ASP A 378 -31.85 -12.10 -24.28
N GLY A 379 -32.58 -13.06 -24.85
CA GLY A 379 -34.02 -13.09 -24.78
C GLY A 379 -34.72 -11.80 -25.19
N GLY A 380 -35.96 -11.63 -24.74
CA GLY A 380 -36.73 -10.44 -25.03
C GLY A 380 -37.50 -10.55 -26.32
N ASN A 381 -37.21 -9.66 -27.26
CA ASN A 381 -37.91 -9.55 -28.55
C ASN A 381 -39.42 -9.72 -28.46
N SER A 382 -40.00 -10.40 -29.44
CA SER A 382 -41.46 -10.48 -29.55
C SER A 382 -42.00 -11.90 -29.75
N THR A 383 -43.33 -12.00 -29.67
CA THR A 383 -44.08 -13.23 -29.93
C THR A 383 -43.60 -14.44 -29.10
N GLU A 384 -44.08 -14.51 -27.86
CA GLU A 384 -43.85 -15.64 -26.97
C GLU A 384 -42.37 -16.00 -26.80
N THR A 385 -42.10 -17.11 -26.13
CA THR A 385 -40.74 -17.57 -25.91
C THR A 385 -40.62 -19.06 -26.21
N GLU A 386 -39.55 -19.45 -26.88
CA GLU A 386 -39.32 -20.85 -27.20
C GLU A 386 -38.12 -21.37 -26.41
N THR A 387 -37.19 -20.48 -26.11
CA THR A 387 -35.97 -20.82 -25.38
C THR A 387 -35.20 -19.57 -24.96
N GLU A 388 -34.46 -19.68 -23.86
CA GLU A 388 -33.61 -18.58 -23.39
C GLU A 388 -32.16 -18.83 -23.76
N ILE A 389 -31.38 -17.75 -23.79
CA ILE A 389 -29.96 -17.83 -24.13
C ILE A 389 -29.11 -17.01 -23.16
N PHE A 390 -28.06 -17.65 -22.63
CA PHE A 390 -27.15 -16.97 -21.72
C PHE A 390 -25.72 -16.99 -22.25
N ARG A 391 -24.96 -15.94 -21.95
CA ARG A 391 -23.60 -15.80 -22.43
C ARG A 391 -22.66 -15.34 -21.31
N PRO A 392 -21.39 -15.76 -21.36
CA PRO A 392 -20.37 -15.32 -20.41
C PRO A 392 -20.20 -13.80 -20.44
N GLY A 393 -20.53 -13.15 -19.32
CA GLY A 393 -20.46 -11.71 -19.23
C GLY A 393 -19.37 -11.23 -18.29
N GLY A 394 -19.56 -10.05 -17.73
CA GLY A 394 -18.58 -9.47 -16.83
C GLY A 394 -18.10 -8.11 -17.31
N GLY A 395 -16.94 -7.69 -16.81
CA GLY A 395 -16.39 -6.40 -17.19
C GLY A 395 -16.29 -5.46 -16.00
N ASP A 396 -17.45 -5.11 -15.45
CA ASP A 396 -17.48 -4.27 -14.26
C ASP A 396 -17.03 -5.07 -13.05
N MET A 397 -15.84 -4.74 -12.54
CA MET A 397 -15.25 -5.46 -11.42
C MET A 397 -16.06 -5.28 -10.15
N ARG A 398 -16.98 -4.32 -10.15
CA ARG A 398 -17.87 -4.12 -9.02
C ARG A 398 -18.77 -5.33 -8.82
N ASP A 399 -19.12 -6.01 -9.90
CA ASP A 399 -19.91 -7.24 -9.82
C ASP A 399 -19.12 -8.34 -9.11
N ASN A 400 -17.81 -8.27 -9.20
CA ASN A 400 -16.94 -9.24 -8.54
C ASN A 400 -16.89 -9.02 -7.03
N TRP A 401 -17.23 -7.82 -6.59
CA TRP A 401 -17.21 -7.49 -5.17
C TRP A 401 -18.59 -7.72 -4.54
N ARG A 402 -19.63 -7.61 -5.36
CA ARG A 402 -21.00 -7.81 -4.89
C ARG A 402 -21.28 -9.29 -4.65
N SER A 403 -20.41 -10.15 -5.15
CA SER A 403 -20.55 -11.59 -4.93
C SER A 403 -19.99 -12.00 -3.58
N GLU A 404 -19.34 -11.05 -2.91
CA GLU A 404 -18.73 -11.30 -1.62
C GLU A 404 -19.26 -10.33 -0.57
N LEU A 405 -19.80 -9.21 -1.02
CA LEU A 405 -20.30 -8.17 -0.13
C LEU A 405 -21.81 -7.97 -0.28
N TYR A 406 -22.52 -9.05 -0.58
CA TYR A 406 -23.97 -8.99 -0.75
C TYR A 406 -24.69 -9.18 0.57
N LYS A 407 -24.00 -9.78 1.53
CA LYS A 407 -24.59 -10.09 2.83
C LYS A 407 -24.07 -9.18 3.93
N TYR A 408 -23.45 -8.06 3.53
CA TYR A 408 -22.91 -7.11 4.49
C TYR A 408 -23.61 -5.75 4.38
N LYS A 409 -23.56 -4.99 5.47
CA LYS A 409 -24.24 -3.70 5.52
C LYS A 409 -23.69 -2.83 6.65
N VAL A 410 -23.20 -1.65 6.29
CA VAL A 410 -22.65 -0.72 7.28
C VAL A 410 -23.67 0.34 7.68
N LYS B 1 -38.39 11.76 -29.60
CA LYS B 1 -38.81 11.74 -30.99
C LYS B 1 -37.85 12.56 -31.84
N LYS B 2 -36.57 12.21 -31.80
CA LYS B 2 -35.57 12.91 -32.59
C LYS B 2 -35.18 12.06 -33.81
N VAL B 3 -35.36 12.62 -35.00
CA VAL B 3 -35.15 11.88 -36.23
C VAL B 3 -33.76 12.12 -36.82
N VAL B 4 -33.12 11.03 -37.26
CA VAL B 4 -31.82 11.09 -37.93
C VAL B 4 -31.87 10.34 -39.26
N LEU B 5 -31.30 10.94 -40.30
CA LEU B 5 -31.28 10.31 -41.62
C LEU B 5 -29.86 9.84 -41.98
N GLY B 6 -29.77 8.65 -42.55
CA GLY B 6 -28.49 8.09 -42.95
C GLY B 6 -28.47 7.62 -44.38
N LYS B 7 -27.27 7.38 -44.91
CA LYS B 7 -27.12 6.93 -46.30
C LYS B 7 -26.72 5.47 -46.36
N LYS B 8 -27.17 4.78 -47.42
CA LYS B 8 -26.82 3.38 -47.62
C LYS B 8 -25.35 3.22 -47.94
N GLY B 9 -24.60 2.62 -47.03
CA GLY B 9 -23.18 2.39 -47.22
C GLY B 9 -22.32 3.37 -46.43
N ASP B 10 -22.97 4.37 -45.85
CA ASP B 10 -22.27 5.38 -45.06
C ASP B 10 -22.30 5.04 -43.58
N THR B 11 -21.75 5.93 -42.76
CA THR B 11 -21.68 5.72 -41.32
C THR B 11 -22.45 6.81 -40.57
N VAL B 12 -23.19 6.39 -39.54
CA VAL B 12 -23.99 7.34 -38.75
C VAL B 12 -23.61 7.25 -37.27
N GLU B 13 -23.71 8.37 -36.57
CA GLU B 13 -23.42 8.43 -35.13
C GLU B 13 -24.62 8.95 -34.35
N LEU B 14 -25.15 8.11 -33.46
CA LEU B 14 -26.28 8.50 -32.62
C LEU B 14 -25.79 8.97 -31.25
N THR B 15 -25.98 10.26 -30.98
CA THR B 15 -25.47 10.87 -29.74
C THR B 15 -26.28 10.46 -28.52
N CYS B 16 -25.59 10.38 -27.37
CA CYS B 16 -26.22 10.05 -26.10
C CYS B 16 -25.46 10.70 -24.95
N THR B 17 -25.73 11.98 -24.73
CA THR B 17 -25.03 12.74 -23.69
C THR B 17 -25.70 12.56 -22.34
N ALA B 18 -24.89 12.28 -21.32
CA ALA B 18 -25.38 12.13 -19.95
C ALA B 18 -25.45 13.48 -19.25
N SER B 19 -25.91 13.47 -18.00
CA SER B 19 -26.05 14.70 -17.23
C SER B 19 -24.72 15.15 -16.65
N GLN B 20 -23.84 14.18 -16.36
CA GLN B 20 -22.54 14.47 -15.76
C GLN B 20 -21.41 14.12 -16.71
N LYS B 21 -20.23 14.68 -16.46
CA LYS B 21 -19.05 14.40 -17.27
C LYS B 21 -18.26 13.24 -16.68
N LYS B 22 -18.84 12.05 -16.70
CA LYS B 22 -18.22 10.86 -16.14
C LYS B 22 -18.64 9.60 -16.89
N SER B 23 -17.69 8.71 -17.13
CA SER B 23 -17.98 7.43 -17.79
C SER B 23 -18.79 6.52 -16.88
N ILE B 24 -20.02 6.25 -17.28
CA ILE B 24 -20.92 5.41 -16.49
C ILE B 24 -21.52 4.30 -17.34
N GLN B 25 -22.54 3.64 -16.80
CA GLN B 25 -23.17 2.53 -17.49
C GLN B 25 -24.22 3.01 -18.49
N PHE B 26 -24.16 2.48 -19.70
CA PHE B 26 -25.13 2.81 -20.74
C PHE B 26 -25.41 1.58 -21.59
N HIS B 27 -26.46 1.65 -22.41
CA HIS B 27 -26.80 0.55 -23.31
C HIS B 27 -27.79 0.99 -24.38
N TRP B 28 -27.53 0.59 -25.61
CA TRP B 28 -28.42 0.91 -26.73
C TRP B 28 -29.30 -0.27 -27.10
N LYS B 29 -30.58 -0.01 -27.32
CA LYS B 29 -31.54 -1.05 -27.68
C LYS B 29 -32.50 -0.54 -28.75
N ASN B 30 -32.88 -1.42 -29.69
CA ASN B 30 -33.83 -1.05 -30.73
C ASN B 30 -35.27 -1.08 -30.21
N SER B 31 -36.23 -1.04 -31.12
CA SER B 31 -37.64 -1.05 -30.77
C SER B 31 -38.03 -2.35 -30.08
N ASN B 32 -37.50 -3.46 -30.55
CA ASN B 32 -37.80 -4.77 -29.98
C ASN B 32 -36.96 -5.10 -28.76
N GLN B 33 -36.41 -4.05 -28.13
CA GLN B 33 -35.59 -4.18 -26.93
C GLN B 33 -34.39 -5.10 -27.13
N ILE B 34 -33.95 -5.22 -28.37
CA ILE B 34 -32.80 -6.05 -28.71
C ILE B 34 -31.51 -5.31 -28.38
N LYS B 35 -30.68 -5.93 -27.55
CA LYS B 35 -29.40 -5.34 -27.15
C LYS B 35 -28.50 -5.11 -28.36
N ILE B 36 -28.08 -3.86 -28.54
CA ILE B 36 -27.24 -3.51 -29.68
C ILE B 36 -25.79 -3.31 -29.23
N LEU B 37 -25.58 -2.36 -28.32
CA LEU B 37 -24.25 -2.06 -27.82
C LEU B 37 -24.33 -1.36 -26.46
N GLY B 38 -23.45 -1.75 -25.54
CA GLY B 38 -23.38 -1.12 -24.24
C GLY B 38 -21.97 -1.16 -23.67
N ASN B 39 -21.87 -1.17 -22.35
CA ASN B 39 -20.58 -1.24 -21.69
C ASN B 39 -20.66 -1.86 -20.30
N GLN B 40 -19.52 -2.27 -19.78
CA GLN B 40 -19.44 -2.84 -18.44
C GLN B 40 -18.23 -2.28 -17.69
N GLY B 41 -18.30 -1.01 -17.35
CA GLY B 41 -17.22 -0.34 -16.66
C GLY B 41 -16.32 0.43 -17.62
N SER B 42 -15.33 -0.26 -18.18
CA SER B 42 -14.42 0.35 -19.13
C SER B 42 -14.26 -0.53 -20.38
N PHE B 43 -15.13 -1.52 -20.50
CA PHE B 43 -15.09 -2.42 -21.64
C PHE B 43 -16.31 -2.23 -22.53
N LEU B 44 -16.19 -2.64 -23.79
CA LEU B 44 -17.28 -2.52 -24.75
C LEU B 44 -17.97 -3.86 -24.96
N THR B 45 -19.30 -3.84 -24.92
CA THR B 45 -20.08 -5.07 -25.11
C THR B 45 -21.09 -4.90 -26.24
N LYS B 46 -21.21 -5.94 -27.06
CA LYS B 46 -22.15 -5.93 -28.18
C LYS B 46 -23.23 -6.99 -28.00
N GLY B 47 -24.43 -6.69 -28.46
CA GLY B 47 -25.55 -7.60 -28.32
C GLY B 47 -25.79 -8.46 -29.54
N PRO B 48 -26.64 -9.50 -29.40
CA PRO B 48 -26.99 -10.41 -30.48
C PRO B 48 -27.87 -9.75 -31.55
N SER B 49 -27.34 -8.74 -32.22
CA SER B 49 -28.10 -8.04 -33.25
C SER B 49 -27.44 -8.19 -34.61
N LYS B 50 -28.17 -7.83 -35.66
CA LYS B 50 -27.65 -7.91 -37.03
C LYS B 50 -26.65 -6.80 -37.31
N LEU B 51 -26.54 -5.87 -36.36
CA LEU B 51 -25.65 -4.73 -36.51
C LEU B 51 -24.37 -4.95 -35.72
N ASN B 52 -24.20 -6.18 -35.22
CA ASN B 52 -23.06 -6.54 -34.38
C ASN B 52 -21.71 -6.17 -35.01
N ASP B 53 -21.46 -6.68 -36.21
CA ASP B 53 -20.16 -6.47 -36.85
C ASP B 53 -20.06 -5.11 -37.51
N ARG B 54 -21.09 -4.28 -37.35
CA ARG B 54 -21.10 -2.95 -37.92
C ARG B 54 -21.45 -1.88 -36.89
N ALA B 55 -21.33 -2.23 -35.61
CA ALA B 55 -21.59 -1.28 -34.54
C ALA B 55 -20.36 -1.07 -33.66
N ASP B 56 -20.14 0.19 -33.27
CA ASP B 56 -19.02 0.53 -32.41
C ASP B 56 -19.28 1.87 -31.74
N SER B 57 -18.45 2.24 -30.77
CA SER B 57 -18.61 3.50 -30.06
C SER B 57 -17.27 4.21 -29.89
N ARG B 58 -17.33 5.48 -29.53
CA ARG B 58 -16.12 6.26 -29.31
C ARG B 58 -15.82 6.33 -27.82
N ARG B 59 -15.01 5.40 -27.34
CA ARG B 59 -14.72 5.29 -25.91
C ARG B 59 -13.87 6.46 -25.40
N SER B 60 -13.45 7.32 -26.30
CA SER B 60 -12.64 8.49 -25.92
C SER B 60 -13.52 9.65 -25.46
N LEU B 61 -14.84 9.43 -25.44
CA LEU B 61 -15.76 10.46 -25.00
C LEU B 61 -16.58 9.98 -23.81
N TRP B 62 -16.37 8.73 -23.40
CA TRP B 62 -17.09 8.14 -22.29
C TRP B 62 -16.90 8.94 -21.02
N ASP B 63 -15.65 9.27 -20.71
CA ASP B 63 -15.34 10.07 -19.53
C ASP B 63 -15.96 11.46 -19.61
N GLN B 64 -16.25 11.91 -20.83
CA GLN B 64 -16.85 13.22 -21.03
C GLN B 64 -18.37 13.17 -20.97
N GLY B 65 -18.90 11.98 -20.71
CA GLY B 65 -20.34 11.80 -20.55
C GLY B 65 -21.08 11.56 -21.86
N ASN B 66 -20.36 11.07 -22.86
CA ASN B 66 -20.98 10.77 -24.15
C ASN B 66 -20.80 9.31 -24.55
N PHE B 67 -21.89 8.66 -24.94
CA PHE B 67 -21.85 7.26 -25.34
C PHE B 67 -22.54 7.06 -26.68
N PRO B 68 -21.86 7.42 -27.77
CA PRO B 68 -22.41 7.36 -29.12
C PRO B 68 -22.66 5.94 -29.63
N LEU B 69 -23.54 5.80 -30.62
CA LEU B 69 -23.77 4.51 -31.28
C LEU B 69 -23.41 4.65 -32.75
N ILE B 70 -22.17 4.30 -33.10
CA ILE B 70 -21.70 4.39 -34.47
C ILE B 70 -22.05 3.14 -35.27
N ILE B 71 -22.75 3.33 -36.39
CA ILE B 71 -23.13 2.21 -37.25
C ILE B 71 -22.56 2.40 -38.66
N LYS B 72 -21.48 1.69 -38.96
CA LYS B 72 -20.86 1.77 -40.27
C LYS B 72 -21.56 0.85 -41.26
N ASN B 73 -21.39 1.15 -42.55
CA ASN B 73 -22.00 0.38 -43.63
C ASN B 73 -23.51 0.23 -43.41
N LEU B 74 -24.21 1.36 -43.40
CA LEU B 74 -25.65 1.38 -43.12
C LEU B 74 -26.44 0.58 -44.14
N LYS B 75 -27.53 -0.02 -43.68
CA LYS B 75 -28.41 -0.82 -44.53
C LYS B 75 -29.85 -0.38 -44.36
N ILE B 76 -30.70 -0.67 -45.34
CA ILE B 76 -32.09 -0.24 -45.31
C ILE B 76 -32.83 -0.88 -44.14
N GLU B 77 -32.52 -2.15 -43.88
CA GLU B 77 -33.13 -2.90 -42.79
C GLU B 77 -32.63 -2.43 -41.42
N ASP B 78 -31.73 -1.45 -41.40
CA ASP B 78 -31.27 -0.88 -40.13
C ASP B 78 -32.20 0.23 -39.66
N SER B 79 -33.22 0.54 -40.47
CA SER B 79 -34.20 1.56 -40.11
C SER B 79 -35.07 1.08 -38.95
N ASP B 80 -34.86 1.68 -37.78
CA ASP B 80 -35.60 1.30 -36.58
C ASP B 80 -35.41 2.35 -35.49
N THR B 81 -36.23 2.27 -34.44
CA THR B 81 -36.15 3.19 -33.31
C THR B 81 -35.10 2.72 -32.30
N TYR B 82 -34.05 3.51 -32.12
CA TYR B 82 -32.99 3.16 -31.19
C TYR B 82 -33.04 4.00 -29.92
N ILE B 83 -32.87 3.35 -28.78
CA ILE B 83 -32.98 4.01 -27.48
C ILE B 83 -31.68 3.85 -26.69
N CYS B 84 -31.28 4.91 -26.00
CA CYS B 84 -30.08 4.86 -25.16
C CYS B 84 -30.44 4.97 -23.68
N GLU B 85 -30.36 3.86 -22.97
CA GLU B 85 -30.70 3.84 -21.56
C GLU B 85 -29.49 4.18 -20.68
N VAL B 86 -29.45 5.43 -20.20
CA VAL B 86 -28.37 5.89 -19.34
C VAL B 86 -28.94 6.66 -18.14
N GLU B 87 -28.37 6.41 -16.96
CA GLU B 87 -28.80 7.05 -15.73
C GLU B 87 -30.28 6.83 -15.44
N ASP B 88 -30.72 5.58 -15.62
CA ASP B 88 -32.12 5.19 -15.39
C ASP B 88 -33.07 6.02 -16.25
N GLN B 89 -32.55 6.55 -17.35
CA GLN B 89 -33.33 7.37 -18.27
C GLN B 89 -33.19 6.82 -19.68
N LYS B 90 -34.06 7.28 -20.58
CA LYS B 90 -34.07 6.76 -21.94
C LYS B 90 -34.14 7.88 -22.98
N GLU B 91 -33.15 7.90 -23.87
CA GLU B 91 -33.16 8.82 -25.01
C GLU B 91 -33.57 8.08 -26.28
N GLU B 92 -34.60 8.59 -26.95
CA GLU B 92 -35.13 7.91 -28.12
C GLU B 92 -34.76 8.63 -29.43
N VAL B 93 -34.32 7.88 -30.41
CA VAL B 93 -33.95 8.44 -31.71
C VAL B 93 -34.32 7.49 -32.85
N GLN B 94 -34.98 8.02 -33.87
CA GLN B 94 -35.40 7.21 -35.02
C GLN B 94 -34.41 7.37 -36.17
N LEU B 95 -34.09 6.26 -36.83
CA LEU B 95 -33.13 6.27 -37.93
C LEU B 95 -33.78 5.83 -39.24
N LEU B 96 -33.73 6.70 -40.24
CA LEU B 96 -34.28 6.40 -41.54
C LEU B 96 -33.20 6.44 -42.62
N VAL B 97 -32.98 5.31 -43.29
CA VAL B 97 -32.08 5.30 -44.42
C VAL B 97 -32.89 5.04 -45.70
N PHE B 98 -32.66 5.86 -46.72
CA PHE B 98 -33.38 5.72 -47.98
C PHE B 98 -32.45 5.19 -49.06
N GLY B 99 -32.15 6.04 -50.04
CA GLY B 99 -31.31 5.64 -51.15
C GLY B 99 -31.89 6.18 -52.43
N LEU B 100 -31.05 6.36 -53.43
CA LEU B 100 -31.51 6.91 -54.71
C LEU B 100 -30.60 6.43 -55.83
N THR B 101 -31.19 5.71 -56.77
CA THR B 101 -30.45 5.21 -57.93
C THR B 101 -31.08 5.70 -59.23
N ALA B 102 -30.25 5.86 -60.25
CA ALA B 102 -30.71 6.31 -61.55
C ALA B 102 -31.28 5.16 -62.36
N ASN B 103 -31.75 5.50 -63.54
CA ASN B 103 -32.40 4.55 -64.43
C ASN B 103 -31.39 3.57 -65.05
N SER B 104 -30.18 4.05 -65.30
CA SER B 104 -29.12 3.24 -65.87
C SER B 104 -27.75 3.66 -65.31
N ASP B 105 -26.73 2.84 -65.59
CA ASP B 105 -25.38 3.13 -65.14
C ASP B 105 -24.44 3.38 -66.31
N THR B 106 -24.95 3.14 -67.53
CA THR B 106 -24.18 3.34 -68.73
C THR B 106 -24.22 4.81 -69.16
N HIS B 107 -23.28 5.19 -70.02
CA HIS B 107 -23.21 6.57 -70.51
C HIS B 107 -24.44 6.93 -71.33
N LEU B 108 -25.06 8.06 -70.99
CA LEU B 108 -26.25 8.51 -71.69
C LEU B 108 -25.92 9.57 -72.73
N LEU B 109 -26.85 9.80 -73.65
CA LEU B 109 -26.64 10.75 -74.73
C LEU B 109 -27.49 11.99 -74.49
N GLN B 110 -27.19 13.06 -75.23
CA GLN B 110 -27.96 14.30 -75.09
C GLN B 110 -29.37 14.08 -75.63
N GLY B 111 -30.36 14.66 -74.94
CA GLY B 111 -31.74 14.53 -75.35
C GLY B 111 -32.41 13.27 -74.83
N GLN B 112 -31.63 12.42 -74.16
CA GLN B 112 -32.16 11.20 -73.57
C GLN B 112 -32.72 11.46 -72.18
N SER B 113 -33.54 10.54 -71.70
CA SER B 113 -34.21 10.71 -70.40
C SER B 113 -33.34 10.20 -69.25
N LEU B 114 -33.65 10.68 -68.05
CA LEU B 114 -32.95 10.25 -66.84
C LEU B 114 -33.92 10.15 -65.67
N THR B 115 -34.24 8.93 -65.26
CA THR B 115 -35.18 8.70 -64.18
C THR B 115 -34.47 8.37 -62.88
N LEU B 116 -34.93 8.99 -61.80
CA LEU B 116 -34.39 8.75 -60.47
C LEU B 116 -35.43 8.08 -59.58
N THR B 117 -35.01 7.05 -58.85
CA THR B 117 -35.93 6.30 -57.99
C THR B 117 -35.54 6.41 -56.51
N LEU B 118 -36.50 6.78 -55.68
CA LEU B 118 -36.28 6.90 -54.25
C LEU B 118 -36.90 5.72 -53.49
N GLU B 119 -36.05 4.80 -53.03
CA GLU B 119 -36.52 3.65 -52.28
C GLU B 119 -36.74 4.01 -50.81
N SER B 120 -37.99 4.12 -50.40
CA SER B 120 -38.34 4.55 -49.05
C SER B 120 -39.13 3.48 -48.30
N PRO B 121 -38.89 3.37 -46.98
CA PRO B 121 -39.59 2.42 -46.11
C PRO B 121 -41.11 2.66 -46.08
N PRO B 122 -41.89 1.63 -45.73
CA PRO B 122 -43.36 1.75 -45.64
C PRO B 122 -43.79 2.73 -44.55
N GLY B 123 -44.54 3.76 -44.93
CA GLY B 123 -45.05 4.73 -43.96
C GLY B 123 -44.41 6.10 -44.09
N SER B 124 -43.50 6.24 -45.04
CA SER B 124 -42.80 7.51 -45.25
C SER B 124 -43.05 8.04 -46.66
N SER B 125 -43.29 9.35 -46.75
CA SER B 125 -43.47 9.98 -48.05
C SER B 125 -42.70 11.30 -48.11
N PRO B 126 -41.37 11.21 -48.31
CA PRO B 126 -40.47 12.37 -48.35
C PRO B 126 -40.62 13.21 -49.62
N SER B 127 -39.63 14.06 -49.87
CA SER B 127 -39.62 14.90 -51.08
C SER B 127 -38.19 15.09 -51.58
N VAL B 128 -37.97 14.75 -52.85
CA VAL B 128 -36.63 14.84 -53.44
C VAL B 128 -36.51 16.05 -54.36
N GLN B 129 -35.40 16.75 -54.25
CA GLN B 129 -35.11 17.88 -55.12
C GLN B 129 -33.65 17.81 -55.60
N CYS B 130 -33.46 17.41 -56.85
CA CYS B 130 -32.13 17.23 -57.39
C CYS B 130 -31.69 18.41 -58.26
N ARG B 131 -30.38 18.60 -58.37
CA ARG B 131 -29.84 19.69 -59.18
C ARG B 131 -28.69 19.19 -60.06
N SER B 132 -28.74 19.55 -61.33
CA SER B 132 -27.72 19.15 -62.29
C SER B 132 -26.53 20.11 -62.22
N PRO B 133 -25.36 19.69 -62.75
CA PRO B 133 -24.17 20.55 -62.76
C PRO B 133 -24.35 21.88 -63.49
N ARG B 134 -25.45 22.04 -64.21
CA ARG B 134 -25.73 23.28 -64.91
C ARG B 134 -26.78 24.11 -64.19
N GLY B 135 -27.56 23.47 -63.32
CA GLY B 135 -28.55 24.16 -62.53
C GLY B 135 -29.96 23.64 -62.69
N LYS B 136 -30.14 22.66 -63.58
CA LYS B 136 -31.45 22.07 -63.83
C LYS B 136 -32.07 21.50 -62.56
N ASN B 137 -33.24 22.00 -62.20
CA ASN B 137 -33.92 21.57 -60.99
C ASN B 137 -35.14 20.71 -61.29
N ILE B 138 -35.36 19.69 -60.47
CA ILE B 138 -36.52 18.82 -60.62
C ILE B 138 -36.99 18.34 -59.24
N GLN B 139 -38.30 18.33 -59.04
CA GLN B 139 -38.87 17.91 -57.76
C GLN B 139 -39.97 16.87 -57.98
N GLY B 140 -40.21 16.05 -56.97
CA GLY B 140 -41.23 15.02 -57.04
C GLY B 140 -41.34 14.22 -55.76
N GLY B 141 -41.93 13.03 -55.85
CA GLY B 141 -42.11 12.17 -54.70
C GLY B 141 -41.25 10.92 -54.77
N LYS B 142 -41.85 9.83 -55.23
CA LYS B 142 -41.15 8.55 -55.34
C LYS B 142 -40.18 8.55 -56.53
N THR B 143 -40.68 8.94 -57.70
CA THR B 143 -39.88 8.92 -58.91
C THR B 143 -39.73 10.30 -59.53
N LEU B 144 -38.52 10.58 -60.02
CA LEU B 144 -38.21 11.85 -60.66
C LEU B 144 -37.70 11.58 -62.06
N SER B 145 -38.22 12.30 -63.05
CA SER B 145 -37.82 12.07 -64.44
C SER B 145 -37.55 13.37 -65.19
N VAL B 146 -36.41 13.42 -65.87
CA VAL B 146 -36.05 14.55 -66.71
C VAL B 146 -36.23 14.18 -68.18
N SER B 147 -37.09 14.94 -68.87
CA SER B 147 -37.42 14.68 -70.27
C SER B 147 -36.18 14.56 -71.15
N GLN B 148 -35.30 15.55 -71.06
CA GLN B 148 -34.08 15.55 -71.85
C GLN B 148 -32.86 16.03 -71.07
N LEU B 149 -31.71 15.47 -71.42
CA LEU B 149 -30.46 15.83 -70.75
C LEU B 149 -29.59 16.64 -71.69
N GLU B 150 -28.94 17.68 -71.16
CA GLU B 150 -28.08 18.52 -71.97
C GLU B 150 -26.62 18.11 -71.79
N LEU B 151 -25.75 18.65 -72.63
CA LEU B 151 -24.32 18.39 -72.53
C LEU B 151 -23.78 18.95 -71.21
N GLN B 152 -24.45 20.00 -70.72
CA GLN B 152 -24.05 20.64 -69.47
C GLN B 152 -24.61 19.90 -68.26
N ASP B 153 -25.44 18.88 -68.52
CA ASP B 153 -25.97 18.04 -67.45
C ASP B 153 -24.96 16.98 -67.02
N SER B 154 -23.84 16.91 -67.75
CA SER B 154 -22.79 15.93 -67.44
C SER B 154 -22.00 16.35 -66.20
N GLY B 155 -22.02 15.50 -65.18
CA GLY B 155 -21.28 15.76 -63.95
C GLY B 155 -21.94 15.11 -62.75
N THR B 156 -21.91 15.79 -61.61
CA THR B 156 -22.46 15.25 -60.38
C THR B 156 -23.76 15.94 -59.99
N TRP B 157 -24.82 15.14 -59.84
CA TRP B 157 -26.13 15.66 -59.45
C TRP B 157 -26.30 15.64 -57.93
N THR B 158 -26.99 16.65 -57.40
CA THR B 158 -27.21 16.75 -55.96
C THR B 158 -28.69 16.71 -55.62
N CYS B 159 -29.14 15.59 -55.06
CA CYS B 159 -30.54 15.41 -54.70
C CYS B 159 -30.72 15.39 -53.18
N THR B 160 -31.62 16.23 -52.68
CA THR B 160 -31.88 16.33 -51.25
C THR B 160 -33.21 15.71 -50.87
N VAL B 161 -33.18 14.76 -49.94
CA VAL B 161 -34.40 14.11 -49.47
C VAL B 161 -34.86 14.70 -48.15
N LEU B 162 -36.07 15.23 -48.11
CA LEU B 162 -36.62 15.86 -46.91
C LEU B 162 -37.58 14.92 -46.19
N GLN B 163 -37.27 14.60 -44.94
CA GLN B 163 -38.12 13.74 -44.13
C GLN B 163 -38.07 14.14 -42.65
N ASN B 164 -39.24 14.34 -42.06
CA ASN B 164 -39.38 14.80 -40.67
C ASN B 164 -38.52 16.01 -40.36
N GLN B 165 -38.65 17.03 -41.20
CA GLN B 165 -37.87 18.28 -41.13
C GLN B 165 -36.37 18.08 -41.40
N LYS B 166 -35.89 16.86 -41.22
CA LYS B 166 -34.50 16.53 -41.49
C LYS B 166 -34.27 16.39 -42.99
N LYS B 167 -33.00 16.32 -43.39
CA LYS B 167 -32.67 16.17 -44.80
C LYS B 167 -31.31 15.52 -45.00
N VAL B 168 -31.26 14.53 -45.88
CA VAL B 168 -30.01 13.85 -46.21
C VAL B 168 -29.66 14.14 -47.68
N GLU B 169 -28.36 14.19 -47.98
CA GLU B 169 -27.90 14.55 -49.31
C GLU B 169 -27.39 13.35 -50.10
N PHE B 170 -27.69 13.33 -51.39
CA PHE B 170 -27.21 12.27 -52.28
C PHE B 170 -26.53 12.84 -53.51
N LYS B 171 -25.40 12.25 -53.89
CA LYS B 171 -24.67 12.66 -55.08
C LYS B 171 -24.61 11.53 -56.11
N ILE B 172 -25.03 11.83 -57.34
CA ILE B 172 -25.06 10.84 -58.41
C ILE B 172 -24.31 11.35 -59.64
N ASP B 173 -23.38 10.53 -60.14
CA ASP B 173 -22.60 10.88 -61.32
C ASP B 173 -23.32 10.49 -62.61
N ILE B 174 -23.67 11.49 -63.42
CA ILE B 174 -24.33 11.25 -64.69
C ILE B 174 -23.47 11.75 -65.84
N VAL B 175 -23.16 10.86 -66.77
CA VAL B 175 -22.30 11.19 -67.91
C VAL B 175 -23.11 11.33 -69.19
N VAL B 176 -23.06 12.50 -69.80
CA VAL B 176 -23.74 12.75 -71.06
C VAL B 176 -22.72 12.98 -72.18
N LEU B 177 -22.60 12.00 -73.07
CA LEU B 177 -21.63 12.04 -74.16
C LEU B 177 -21.88 13.22 -75.09
N ALA B 178 -20.80 13.74 -75.68
CA ALA B 178 -20.90 14.88 -76.60
C ALA B 178 -20.90 14.41 -78.05
N ASP C 1 10.14 2.50 1.14
CA ASP C 1 10.06 2.62 2.58
C ASP C 1 9.80 4.05 3.01
N ILE C 2 8.95 4.22 4.02
CA ILE C 2 8.63 5.54 4.55
C ILE C 2 9.60 5.95 5.63
N GLN C 3 10.11 7.18 5.55
CA GLN C 3 11.06 7.70 6.53
C GLN C 3 10.39 8.68 7.48
N MET C 4 10.75 8.59 8.75
CA MET C 4 10.19 9.46 9.78
C MET C 4 11.25 10.39 10.38
N THR C 5 11.17 11.66 10.04
CA THR C 5 12.13 12.64 10.53
C THR C 5 11.47 13.61 11.52
N GLN C 6 12.07 13.76 12.69
CA GLN C 6 11.55 14.69 13.69
C GLN C 6 12.41 15.96 13.75
N SER C 7 11.80 17.05 14.21
CA SER C 7 12.50 18.32 14.30
C SER C 7 11.89 19.22 15.37
N PRO C 8 12.75 19.86 16.20
CA PRO C 8 14.20 19.70 16.17
C PRO C 8 14.66 18.37 16.79
N SER C 9 15.96 18.14 16.82
CA SER C 9 16.49 16.92 17.41
C SER C 9 16.94 17.19 18.84
N PHE C 10 17.09 18.46 19.17
CA PHE C 10 17.54 18.89 20.49
C PHE C 10 16.83 20.17 20.90
N VAL C 11 15.85 20.05 21.79
CA VAL C 11 15.06 21.20 22.23
C VAL C 11 15.51 21.71 23.59
N SER C 12 15.73 23.02 23.70
CA SER C 12 16.11 23.65 24.95
C SER C 12 14.97 24.55 25.45
N ALA C 13 14.30 24.12 26.52
CA ALA C 13 13.19 24.88 27.08
C ALA C 13 13.18 24.79 28.60
N SER C 14 12.87 25.91 29.25
CA SER C 14 12.77 25.95 30.70
C SER C 14 11.46 25.31 31.17
N VAL C 15 11.41 24.94 32.44
CA VAL C 15 10.21 24.34 33.01
C VAL C 15 9.06 25.35 32.99
N GLY C 16 7.86 24.88 32.63
CA GLY C 16 6.70 25.74 32.57
C GLY C 16 6.50 26.36 31.20
N ASP C 17 7.53 26.27 30.36
CA ASP C 17 7.46 26.81 29.00
C ASP C 17 6.68 25.88 28.09
N ARG C 18 6.15 26.45 27.01
CA ARG C 18 5.39 25.69 26.02
C ARG C 18 6.32 25.13 24.95
N VAL C 19 6.26 23.81 24.75
CA VAL C 19 7.11 23.15 23.78
C VAL C 19 6.28 22.43 22.72
N THR C 20 6.80 22.36 21.50
CA THR C 20 6.12 21.72 20.39
C THR C 20 7.11 21.04 19.44
N ILE C 21 7.07 19.71 19.40
CA ILE C 21 7.93 18.95 18.52
C ILE C 21 7.15 18.41 17.33
N THR C 22 7.78 18.38 16.16
CA THR C 22 7.13 17.94 14.94
C THR C 22 7.73 16.66 14.40
N CYS C 23 6.97 15.96 13.57
CA CYS C 23 7.43 14.72 12.95
C CYS C 23 6.90 14.58 11.53
N ARG C 24 7.77 14.77 10.55
CA ARG C 24 7.39 14.73 9.15
C ARG C 24 7.58 13.34 8.55
N ALA C 25 6.63 12.92 7.71
CA ALA C 25 6.71 11.64 7.03
C ALA C 25 6.94 11.82 5.53
N SER C 26 7.72 10.92 4.93
CA SER C 26 8.03 11.00 3.51
C SER C 26 6.80 10.74 2.66
N GLN C 27 5.88 9.91 3.18
CA GLN C 27 4.67 9.57 2.46
C GLN C 27 3.45 9.67 3.38
N GLY C 28 2.26 9.71 2.78
CA GLY C 28 1.02 9.82 3.53
C GLY C 28 0.74 8.60 4.38
N ILE C 29 0.40 8.82 5.65
CA ILE C 29 0.13 7.72 6.57
C ILE C 29 -1.15 7.97 7.38
N SER C 30 -1.92 8.97 6.95
CA SER C 30 -3.17 9.35 7.61
C SER C 30 -3.00 9.55 9.11
N SER C 31 -3.60 8.66 9.91
CA SER C 31 -3.55 8.79 11.36
C SER C 31 -2.92 7.56 12.02
N TYR C 32 -1.92 6.98 11.38
CA TYR C 32 -1.22 5.83 11.93
C TYR C 32 0.11 6.25 12.56
N LEU C 33 0.03 7.05 13.61
CA LEU C 33 1.24 7.54 14.30
C LEU C 33 1.09 7.40 15.81
N ALA C 34 2.21 7.30 16.51
CA ALA C 34 2.22 7.26 17.96
C ALA C 34 3.44 7.99 18.53
N TRP C 35 3.34 8.41 19.78
CA TRP C 35 4.44 9.09 20.46
C TRP C 35 4.83 8.35 21.74
N TYR C 36 6.12 8.38 22.07
CA TYR C 36 6.61 7.67 23.23
C TYR C 36 7.62 8.50 24.02
N GLN C 37 7.61 8.34 25.34
CA GLN C 37 8.54 9.06 26.21
C GLN C 37 9.56 8.09 26.79
N GLN C 38 10.84 8.31 26.51
CA GLN C 38 11.88 7.42 26.98
C GLN C 38 12.96 8.15 27.77
N LYS C 39 13.21 7.68 28.99
CA LYS C 39 14.25 8.24 29.84
C LYS C 39 15.46 7.32 29.87
N PRO C 40 16.66 7.90 30.10
CA PRO C 40 17.92 7.13 30.12
C PRO C 40 17.85 5.86 30.98
N GLY C 41 18.19 4.73 30.38
CA GLY C 41 18.16 3.46 31.08
C GLY C 41 16.76 2.96 31.36
N LYS C 42 15.79 3.44 30.59
CA LYS C 42 14.39 3.04 30.75
C LYS C 42 13.72 2.79 29.41
N ALA C 43 12.58 2.11 29.45
CA ALA C 43 11.83 1.77 28.24
C ALA C 43 10.87 2.90 27.86
N PRO C 44 10.57 3.03 26.55
CA PRO C 44 9.63 4.05 26.08
C PRO C 44 8.25 3.92 26.71
N LYS C 45 7.57 5.05 26.88
CA LYS C 45 6.23 5.06 27.46
C LYS C 45 5.22 5.68 26.50
N LEU C 46 4.17 4.93 26.19
CA LEU C 46 3.13 5.40 25.28
C LEU C 46 2.49 6.69 25.79
N VAL C 47 2.62 7.75 25.01
CA VAL C 47 2.06 9.05 25.37
C VAL C 47 0.76 9.29 24.63
N ILE C 48 0.85 9.33 23.30
CA ILE C 48 -0.33 9.59 22.47
C ILE C 48 -0.34 8.70 21.23
N TYR C 49 -1.43 7.98 21.04
CA TYR C 49 -1.59 7.16 19.87
C TYR C 49 -2.68 7.71 18.96
N ALA C 50 -2.87 7.04 17.82
CA ALA C 50 -3.83 7.50 16.81
C ALA C 50 -3.60 8.96 16.43
N ALA C 51 -2.34 9.38 16.53
CA ALA C 51 -1.87 10.74 16.26
C ALA C 51 -2.37 11.79 17.26
N SER C 52 -3.64 11.74 17.62
CA SER C 52 -4.21 12.76 18.50
C SER C 52 -5.00 12.17 19.68
N THR C 53 -4.91 10.86 19.87
CA THR C 53 -5.62 10.21 20.96
C THR C 53 -4.69 9.93 22.13
N LEU C 54 -5.00 10.56 23.26
CA LEU C 54 -4.17 10.44 24.45
C LEU C 54 -4.34 9.08 25.13
N GLN C 55 -3.24 8.52 25.62
CA GLN C 55 -3.27 7.24 26.31
C GLN C 55 -3.89 7.42 27.70
N SER C 56 -4.53 6.37 28.21
CA SER C 56 -5.14 6.40 29.54
C SER C 56 -4.12 6.69 30.63
N GLY C 57 -4.30 7.81 31.31
CA GLY C 57 -3.42 8.20 32.39
C GLY C 57 -2.54 9.38 32.07
N VAL C 58 -2.26 9.57 30.78
CA VAL C 58 -1.41 10.67 30.32
C VAL C 58 -2.02 12.02 30.66
N PRO C 59 -1.23 12.90 31.28
CA PRO C 59 -1.65 14.25 31.70
C PRO C 59 -2.33 15.04 30.58
N SER C 60 -3.11 16.04 30.97
CA SER C 60 -3.85 16.85 30.01
C SER C 60 -2.93 17.81 29.26
N ARG C 61 -1.77 18.09 29.84
CA ARG C 61 -0.82 19.02 29.23
C ARG C 61 -0.24 18.46 27.93
N PHE C 62 -0.36 17.15 27.74
CA PHE C 62 0.08 16.51 26.51
C PHE C 62 -1.03 16.51 25.46
N SER C 63 -0.68 16.93 24.24
CA SER C 63 -1.64 16.98 23.14
C SER C 63 -0.97 16.64 21.81
N GLY C 64 -1.78 16.23 20.84
CA GLY C 64 -1.26 15.86 19.54
C GLY C 64 -2.22 16.20 18.42
N SER C 65 -1.68 16.44 17.22
CA SER C 65 -2.48 16.76 16.05
C SER C 65 -1.74 16.44 14.77
N GLY C 66 -2.40 16.64 13.64
CA GLY C 66 -1.80 16.38 12.34
C GLY C 66 -2.35 15.13 11.68
N SER C 67 -2.22 15.06 10.36
CA SER C 67 -2.69 13.91 9.60
C SER C 67 -2.10 13.91 8.19
N GLY C 68 -1.55 12.76 7.78
CA GLY C 68 -0.96 12.63 6.47
C GLY C 68 0.55 12.48 6.54
N THR C 69 1.25 13.61 6.59
CA THR C 69 2.71 13.62 6.67
C THR C 69 3.20 14.44 7.85
N GLU C 70 2.57 15.59 8.05
CA GLU C 70 2.96 16.50 9.13
C GLU C 70 2.21 16.17 10.42
N PHE C 71 2.95 16.07 11.52
CA PHE C 71 2.36 15.77 12.82
C PHE C 71 2.98 16.63 13.91
N THR C 72 2.37 16.64 15.07
CA THR C 72 2.79 17.54 16.14
C THR C 72 2.47 16.99 17.54
N LEU C 73 3.45 17.04 18.42
CA LEU C 73 3.25 16.70 19.83
C LEU C 73 3.54 17.91 20.71
N THR C 74 2.48 18.49 21.28
CA THR C 74 2.62 19.74 22.03
C THR C 74 2.37 19.53 23.53
N ILE C 75 3.22 20.13 24.36
CA ILE C 75 3.05 20.14 25.80
C ILE C 75 2.81 21.56 26.29
N SER C 76 1.61 21.82 26.80
CA SER C 76 1.21 23.14 27.26
C SER C 76 2.18 23.71 28.29
N SER C 77 2.31 23.02 29.42
CA SER C 77 3.24 23.44 30.46
C SER C 77 4.19 22.30 30.84
N LEU C 78 5.49 22.55 30.71
CA LEU C 78 6.49 21.53 30.99
C LEU C 78 6.71 21.34 32.49
N GLN C 79 7.14 20.14 32.85
CA GLN C 79 7.42 19.79 34.25
C GLN C 79 8.74 19.04 34.32
N PRO C 80 9.38 19.03 35.51
CA PRO C 80 10.67 18.34 35.69
C PRO C 80 10.67 16.88 35.21
N GLU C 81 9.49 16.26 35.19
CA GLU C 81 9.37 14.87 34.78
C GLU C 81 9.17 14.73 33.27
N ASP C 82 8.69 15.80 32.63
CA ASP C 82 8.40 15.76 31.20
C ASP C 82 9.67 15.71 30.35
N PHE C 83 10.77 16.22 30.89
CA PHE C 83 12.03 16.27 30.16
C PHE C 83 12.59 14.87 29.89
N ALA C 84 12.53 14.47 28.63
CA ALA C 84 13.02 13.17 28.19
C ALA C 84 13.17 13.13 26.68
N THR C 85 13.31 11.92 26.13
CA THR C 85 13.43 11.74 24.69
C THR C 85 12.14 11.18 24.11
N TYR C 86 11.57 11.88 23.13
CA TYR C 86 10.32 11.46 22.52
C TYR C 86 10.51 10.90 21.13
N TYR C 87 9.81 9.81 20.83
CA TYR C 87 9.90 9.16 19.53
C TYR C 87 8.55 9.14 18.82
N CYS C 88 8.59 9.17 17.48
CA CYS C 88 7.37 9.04 16.69
C CYS C 88 7.42 7.75 15.88
N GLN C 89 6.31 7.02 15.85
CA GLN C 89 6.28 5.71 15.21
C GLN C 89 5.20 5.59 14.15
N HIS C 90 5.57 4.99 13.02
CA HIS C 90 4.59 4.62 12.00
C HIS C 90 3.91 3.32 12.42
N LEU C 91 2.71 3.43 12.98
CA LEU C 91 2.01 2.29 13.60
C LEU C 91 1.91 1.04 12.71
N ILE C 92 1.94 1.22 11.41
CA ILE C 92 1.86 0.10 10.47
C ILE C 92 3.09 0.04 9.57
N GLY C 93 2.95 -0.68 8.45
CA GLY C 93 4.04 -0.83 7.50
C GLY C 93 5.23 -1.55 8.11
N LEU C 94 6.36 -0.84 8.18
CA LEU C 94 7.58 -1.39 8.74
C LEU C 94 7.71 -1.05 10.23
N ARG C 95 6.77 -0.25 10.72
CA ARG C 95 6.77 0.22 12.10
C ARG C 95 8.07 0.95 12.42
N SER C 96 8.48 1.83 11.52
CA SER C 96 9.71 2.58 11.69
C SER C 96 9.51 3.77 12.62
N PHE C 97 10.55 4.11 13.37
CA PHE C 97 10.48 5.22 14.31
C PHE C 97 11.27 6.41 13.81
N GLY C 98 11.38 7.44 14.64
CA GLY C 98 12.15 8.62 14.29
C GLY C 98 13.43 8.68 15.11
N GLN C 99 14.33 9.59 14.73
CA GLN C 99 15.61 9.72 15.43
C GLN C 99 15.41 10.22 16.85
N GLY C 100 14.21 10.72 17.14
CA GLY C 100 13.85 11.14 18.48
C GLY C 100 14.26 12.56 18.78
N THR C 101 13.48 13.22 19.63
CA THR C 101 13.78 14.58 20.06
C THR C 101 14.06 14.61 21.55
N LYS C 102 15.24 15.07 21.92
CA LYS C 102 15.65 15.11 23.32
C LYS C 102 15.36 16.46 23.96
N LEU C 103 14.40 16.49 24.87
CA LEU C 103 14.02 17.70 25.57
C LEU C 103 14.83 17.84 26.87
N GLU C 104 15.50 18.97 27.02
CA GLU C 104 16.34 19.21 28.19
C GLU C 104 16.09 20.59 28.80
N ILE C 105 16.56 20.78 30.03
CA ILE C 105 16.37 22.03 30.76
C ILE C 105 17.30 23.12 30.26
N LYS C 106 16.84 24.37 30.30
CA LYS C 106 17.63 25.51 29.84
C LYS C 106 18.20 26.32 31.00
N ARG C 107 19.45 26.76 30.86
CA ARG C 107 20.10 27.61 31.86
C ARG C 107 21.05 28.60 31.17
N THR C 108 21.55 29.56 31.93
CA THR C 108 22.42 30.60 31.39
C THR C 108 23.73 30.03 30.86
N VAL C 109 24.12 30.45 29.66
CA VAL C 109 25.33 29.98 29.00
C VAL C 109 26.57 30.13 29.89
N ALA C 110 27.42 29.11 29.91
CA ALA C 110 28.65 29.14 30.68
C ALA C 110 29.83 28.62 29.87
N ALA C 111 30.90 29.41 29.84
CA ALA C 111 32.10 29.04 29.10
C ALA C 111 32.77 27.81 29.72
N PRO C 112 33.15 26.84 28.86
CA PRO C 112 33.78 25.60 29.29
C PRO C 112 35.11 25.81 29.99
N SER C 113 35.46 24.92 30.92
CA SER C 113 36.77 24.95 31.55
C SER C 113 37.68 23.94 30.84
N VAL C 114 38.52 24.43 29.94
CA VAL C 114 39.33 23.56 29.09
C VAL C 114 40.61 23.10 29.80
N PHE C 115 40.87 21.79 29.75
CA PHE C 115 42.09 21.21 30.30
C PHE C 115 42.68 20.20 29.32
N ILE C 116 43.97 19.92 29.45
CA ILE C 116 44.62 18.93 28.60
C ILE C 116 45.61 18.08 29.40
N PHE C 117 45.62 16.78 29.13
CA PHE C 117 46.46 15.85 29.88
C PHE C 117 47.30 14.97 28.97
N PRO C 118 48.61 15.21 28.95
CA PRO C 118 49.56 14.37 28.20
C PRO C 118 49.55 12.93 28.69
N PRO C 119 49.85 11.98 27.80
CA PRO C 119 49.90 10.55 28.15
C PRO C 119 50.89 10.27 29.27
N SER C 120 50.63 9.23 30.05
CA SER C 120 51.51 8.88 31.17
C SER C 120 52.71 8.07 30.68
N ASP C 121 53.80 8.13 31.44
CA ASP C 121 55.00 7.39 31.10
C ASP C 121 54.76 5.89 31.18
N GLU C 122 53.83 5.49 32.06
CA GLU C 122 53.48 4.09 32.24
C GLU C 122 52.71 3.56 31.03
N GLN C 123 51.89 4.42 30.43
CA GLN C 123 51.09 4.02 29.28
C GLN C 123 51.95 3.88 28.03
N LEU C 124 52.93 4.76 27.90
CA LEU C 124 53.86 4.73 26.77
C LEU C 124 54.67 3.43 26.75
N LYS C 125 54.74 2.77 27.90
CA LYS C 125 55.44 1.50 28.01
C LYS C 125 54.73 0.40 27.22
N SER C 126 53.40 0.38 27.30
CA SER C 126 52.61 -0.62 26.59
C SER C 126 52.71 -0.43 25.07
N GLY C 127 52.87 0.81 24.65
CA GLY C 127 53.00 1.13 23.24
C GLY C 127 51.79 1.89 22.70
N THR C 128 51.22 2.75 23.54
CA THR C 128 50.05 3.54 23.15
C THR C 128 50.03 4.87 23.90
N ALA C 129 49.67 5.94 23.20
CA ALA C 129 49.58 7.26 23.80
C ALA C 129 48.16 7.83 23.68
N SER C 130 47.61 8.27 24.80
CA SER C 130 46.27 8.84 24.82
C SER C 130 46.25 10.25 25.41
N VAL C 131 46.06 11.23 24.54
CA VAL C 131 45.99 12.63 24.96
C VAL C 131 44.55 13.05 25.18
N VAL C 132 44.24 13.51 26.39
CA VAL C 132 42.86 13.84 26.76
C VAL C 132 42.64 15.35 26.86
N CYS C 133 41.55 15.82 26.26
CA CYS C 133 41.15 17.22 26.37
C CYS C 133 39.80 17.31 27.09
N LEU C 134 39.76 18.08 28.18
CA LEU C 134 38.57 18.13 29.02
C LEU C 134 37.84 19.46 28.94
N LEU C 135 36.52 19.39 28.75
CA LEU C 135 35.66 20.56 28.77
C LEU C 135 34.72 20.44 29.97
N ASN C 136 35.09 21.09 31.07
CA ASN C 136 34.36 20.94 32.32
C ASN C 136 33.30 22.02 32.52
N ASN C 137 32.11 21.59 32.95
CA ASN C 137 30.98 22.47 33.26
C ASN C 137 30.70 23.51 32.17
N PHE C 138 29.95 23.10 31.15
CA PHE C 138 29.66 24.00 30.05
C PHE C 138 28.23 23.83 29.52
N TYR C 139 27.65 24.94 29.08
CA TYR C 139 26.32 24.95 28.49
C TYR C 139 26.25 26.02 27.41
N PRO C 140 25.58 25.74 26.28
CA PRO C 140 24.86 24.50 25.95
C PRO C 140 25.76 23.31 25.66
N ARG C 141 25.15 22.20 25.28
CA ARG C 141 25.88 20.96 25.06
C ARG C 141 26.74 21.06 23.79
N GLU C 142 26.24 21.80 22.80
CA GLU C 142 26.92 21.94 21.52
C GLU C 142 28.31 22.54 21.68
N ALA C 143 29.32 21.82 21.20
CA ALA C 143 30.70 22.27 21.28
C ALA C 143 31.58 21.49 20.30
N LYS C 144 32.53 22.17 19.68
CA LYS C 144 33.42 21.54 18.70
C LYS C 144 34.83 21.43 19.25
N VAL C 145 35.38 20.21 19.23
CA VAL C 145 36.75 19.97 19.69
C VAL C 145 37.65 19.49 18.56
N GLN C 146 38.70 20.24 18.28
CA GLN C 146 39.63 19.91 17.21
C GLN C 146 41.01 19.61 17.75
N TRP C 147 41.58 18.47 17.35
CA TRP C 147 42.92 18.10 17.76
C TRP C 147 43.96 18.57 16.74
N LYS C 148 45.10 19.03 17.25
CA LYS C 148 46.18 19.51 16.39
C LYS C 148 47.55 19.01 16.84
N VAL C 149 48.15 18.17 16.00
CA VAL C 149 49.51 17.68 16.26
C VAL C 149 50.50 18.38 15.35
N ASP C 150 51.39 19.18 15.94
CA ASP C 150 52.31 20.04 15.20
C ASP C 150 51.55 20.94 14.22
N ASN C 151 50.48 21.55 14.72
CA ASN C 151 49.63 22.45 13.94
C ASN C 151 48.97 21.75 12.76
N ALA C 152 48.65 20.47 12.95
CA ALA C 152 47.98 19.69 11.92
C ALA C 152 46.68 19.08 12.44
N LEU C 153 45.58 19.38 11.75
CA LEU C 153 44.26 18.90 12.16
C LEU C 153 44.17 17.38 12.10
N GLN C 154 43.70 16.78 13.19
CA GLN C 154 43.55 15.32 13.27
C GLN C 154 42.13 14.90 12.90
N SER C 155 41.98 13.65 12.50
CA SER C 155 40.67 13.13 12.09
C SER C 155 40.66 11.61 12.08
N GLY C 156 39.66 11.03 12.76
CA GLY C 156 39.48 9.60 12.78
C GLY C 156 40.26 8.89 13.87
N ASN C 157 40.97 9.67 14.69
CA ASN C 157 41.76 9.10 15.78
C ASN C 157 41.43 9.72 17.13
N SER C 158 40.16 10.04 17.35
CA SER C 158 39.73 10.63 18.61
C SER C 158 38.27 10.31 18.91
N GLN C 159 37.94 10.24 20.19
CA GLN C 159 36.58 9.94 20.62
C GLN C 159 36.12 10.92 21.70
N GLU C 160 34.83 11.19 21.74
CA GLU C 160 34.27 12.12 22.72
C GLU C 160 33.33 11.41 23.69
N SER C 161 33.22 11.96 24.89
CA SER C 161 32.36 11.39 25.93
C SER C 161 31.67 12.50 26.72
N VAL C 162 30.36 12.60 26.59
CA VAL C 162 29.60 13.65 27.26
C VAL C 162 28.72 13.08 28.36
N THR C 163 28.78 13.72 29.53
CA THR C 163 27.96 13.31 30.67
C THR C 163 26.57 13.92 30.59
N GLU C 164 25.67 13.45 31.45
CA GLU C 164 24.31 13.99 31.51
C GLU C 164 24.30 15.30 32.29
N GLN C 165 23.21 16.06 32.14
CA GLN C 165 23.06 17.32 32.86
C GLN C 165 23.18 17.11 34.36
N ASP C 166 24.02 17.93 35.00
CA ASP C 166 24.21 17.86 36.43
C ASP C 166 22.89 18.11 37.15
N SER C 167 22.67 17.37 38.24
CA SER C 167 21.41 17.47 38.99
C SER C 167 21.25 18.84 39.63
N LYS C 168 22.35 19.57 39.79
CA LYS C 168 22.33 20.89 40.42
C LYS C 168 22.43 22.02 39.40
N ASP C 169 23.66 22.40 39.04
CA ASP C 169 23.88 23.55 38.18
C ASP C 169 23.42 23.32 36.74
N SER C 170 23.07 22.06 36.44
CA SER C 170 22.61 21.67 35.11
C SER C 170 23.62 22.00 34.03
N THR C 171 24.82 21.44 34.14
CA THR C 171 25.88 21.68 33.17
C THR C 171 26.35 20.37 32.54
N TYR C 172 27.22 20.48 31.53
CA TYR C 172 27.73 19.32 30.83
C TYR C 172 29.23 19.13 31.05
N SER C 173 29.74 17.98 30.64
CA SER C 173 31.17 17.69 30.74
C SER C 173 31.60 16.77 29.60
N LEU C 174 32.51 17.26 28.77
CA LEU C 174 32.98 16.51 27.60
C LEU C 174 34.48 16.20 27.69
N SER C 175 34.84 15.00 27.26
CA SER C 175 36.24 14.60 27.19
C SER C 175 36.59 14.16 25.77
N SER C 176 37.85 14.31 25.39
CA SER C 176 38.29 13.91 24.06
C SER C 176 39.64 13.21 24.13
N THR C 177 39.66 11.93 23.77
CA THR C 177 40.89 11.13 23.87
C THR C 177 41.53 10.90 22.51
N LEU C 178 42.66 11.57 22.28
CA LEU C 178 43.42 11.40 21.05
C LEU C 178 44.36 10.19 21.16
N THR C 179 43.96 9.08 20.57
CA THR C 179 44.73 7.84 20.66
C THR C 179 45.76 7.74 19.53
N LEU C 180 47.02 7.57 19.90
CA LEU C 180 48.11 7.43 18.94
C LEU C 180 49.03 6.28 19.33
N SER C 181 49.93 5.90 18.43
CA SER C 181 50.91 4.86 18.73
C SER C 181 52.14 5.47 19.38
N LYS C 182 52.95 4.63 20.04
CA LYS C 182 54.15 5.08 20.73
C LYS C 182 55.11 5.79 19.77
N ALA C 183 55.24 5.24 18.56
CA ALA C 183 56.12 5.82 17.55
C ALA C 183 55.57 7.13 17.00
N ASP C 184 54.29 7.15 16.69
CA ASP C 184 53.64 8.33 16.14
C ASP C 184 53.67 9.49 17.14
N TYR C 185 53.57 9.16 18.42
CA TYR C 185 53.59 10.20 19.45
C TYR C 185 54.99 10.76 19.68
N GLU C 186 55.99 9.90 19.59
CA GLU C 186 57.36 10.30 19.86
C GLU C 186 58.09 10.85 18.63
N LYS C 187 57.33 11.15 17.57
CA LYS C 187 57.91 11.75 16.38
C LYS C 187 57.31 13.13 16.12
N HIS C 188 56.58 13.65 17.10
CA HIS C 188 56.01 14.99 17.01
C HIS C 188 56.36 15.81 18.24
N LYS C 189 55.83 17.04 18.33
CA LYS C 189 56.15 17.93 19.44
C LYS C 189 54.90 18.45 20.14
N VAL C 190 54.26 19.45 19.54
CA VAL C 190 53.12 20.13 20.16
C VAL C 190 51.83 19.33 20.00
N TYR C 191 50.99 19.35 21.04
CA TYR C 191 49.69 18.69 21.01
C TYR C 191 48.62 19.61 21.58
N ALA C 192 47.85 20.24 20.71
CA ALA C 192 46.82 21.19 21.12
C ALA C 192 45.41 20.65 20.87
N CYS C 193 44.45 21.14 21.65
CA CYS C 193 43.05 20.79 21.46
C CYS C 193 42.17 22.04 21.43
N GLU C 194 41.98 22.58 20.23
CA GLU C 194 41.19 23.79 20.06
C GLU C 194 39.72 23.56 20.43
N VAL C 195 39.16 24.45 21.22
CA VAL C 195 37.77 24.33 21.67
C VAL C 195 36.93 25.50 21.18
N THR C 196 35.79 25.22 20.57
CA THR C 196 34.88 26.24 20.09
C THR C 196 33.53 26.17 20.81
N HIS C 197 33.19 27.22 21.55
CA HIS C 197 31.94 27.25 22.29
C HIS C 197 31.29 28.62 22.21
N GLN C 198 29.97 28.68 22.39
CA GLN C 198 29.21 29.91 22.30
C GLN C 198 29.53 30.86 23.46
N GLY C 199 29.90 30.28 24.60
CA GLY C 199 30.23 31.06 25.79
C GLY C 199 31.59 31.71 25.72
N LEU C 200 32.38 31.32 24.72
CA LEU C 200 33.71 31.88 24.54
C LEU C 200 33.70 32.94 23.45
N SER C 201 34.40 34.05 23.70
CA SER C 201 34.51 35.14 22.73
C SER C 201 35.35 34.71 21.53
N SER C 202 36.24 33.75 21.78
CA SER C 202 37.12 33.22 20.74
C SER C 202 37.66 31.88 21.17
N PRO C 203 37.88 30.96 20.20
CA PRO C 203 38.38 29.61 20.46
C PRO C 203 39.63 29.58 21.33
N VAL C 204 39.58 28.80 22.39
CA VAL C 204 40.68 28.71 23.34
C VAL C 204 41.52 27.46 23.06
N THR C 205 42.84 27.62 23.07
CA THR C 205 43.74 26.52 22.76
C THR C 205 44.64 26.19 23.94
N LYS C 206 44.66 24.91 24.32
CA LYS C 206 45.56 24.42 25.36
C LYS C 206 46.51 23.38 24.80
N SER C 207 47.81 23.64 24.89
CA SER C 207 48.80 22.75 24.31
C SER C 207 49.98 22.49 25.27
N PHE C 208 50.77 21.47 24.94
CA PHE C 208 51.94 21.13 25.73
C PHE C 208 53.06 20.62 24.82
N ASN C 209 54.30 20.70 25.31
CA ASN C 209 55.44 20.19 24.57
C ASN C 209 55.97 18.89 25.17
N ARG C 210 55.91 17.82 24.37
CA ARG C 210 56.38 16.50 24.80
C ARG C 210 57.82 16.54 25.30
N GLN D 1 -2.96 -5.29 37.19
CA GLN D 1 -2.09 -4.67 36.20
C GLN D 1 -1.23 -5.73 35.51
N VAL D 2 -0.58 -5.35 34.42
CA VAL D 2 0.24 -6.29 33.65
C VAL D 2 1.69 -5.83 33.58
N GLN D 3 2.61 -6.76 33.78
CA GLN D 3 4.04 -6.46 33.70
C GLN D 3 4.77 -7.47 32.82
N LEU D 4 5.64 -6.96 31.95
CA LEU D 4 6.39 -7.80 31.04
C LEU D 4 7.87 -7.85 31.44
N GLN D 5 8.32 -9.02 31.91
CA GLN D 5 9.70 -9.20 32.31
C GLN D 5 10.51 -9.90 31.22
N GLN D 6 11.81 -9.63 31.18
CA GLN D 6 12.68 -10.21 30.16
C GLN D 6 13.93 -10.81 30.77
N TRP D 7 14.31 -11.99 30.29
CA TRP D 7 15.52 -12.66 30.76
C TRP D 7 16.23 -13.39 29.61
N GLY D 8 17.51 -13.65 29.79
CA GLY D 8 18.30 -14.33 28.77
C GLY D 8 19.72 -13.79 28.70
N ALA D 9 20.56 -14.47 27.92
CA ALA D 9 21.95 -14.07 27.78
C ALA D 9 22.08 -12.73 27.05
N GLY D 10 22.77 -11.80 27.68
CA GLY D 10 22.99 -10.48 27.09
C GLY D 10 24.31 -10.40 26.35
N LEU D 11 25.37 -10.90 26.98
CA LEU D 11 26.69 -10.93 26.37
C LEU D 11 26.84 -12.12 25.43
N LEU D 12 26.98 -11.85 24.15
CA LEU D 12 27.09 -12.91 23.16
C LEU D 12 28.31 -12.71 22.26
N LYS D 13 28.58 -13.72 21.43
CA LYS D 13 29.71 -13.68 20.51
C LYS D 13 29.21 -13.81 19.07
N PRO D 14 30.02 -13.42 18.08
CA PRO D 14 29.62 -13.54 16.67
C PRO D 14 29.21 -14.95 16.29
N SER D 15 28.33 -15.06 15.28
CA SER D 15 27.83 -16.33 14.75
C SER D 15 26.97 -17.11 15.74
N GLU D 16 26.87 -16.63 16.98
CA GLU D 16 26.04 -17.30 17.98
C GLU D 16 24.58 -16.95 17.79
N THR D 17 23.74 -17.42 18.71
CA THR D 17 22.30 -17.20 18.62
C THR D 17 21.75 -16.41 19.80
N LEU D 18 20.89 -15.45 19.50
CA LEU D 18 20.18 -14.71 20.52
C LEU D 18 18.87 -15.39 20.94
N SER D 19 18.74 -15.67 22.24
CA SER D 19 17.53 -16.29 22.77
C SER D 19 17.03 -15.56 24.01
N LEU D 20 16.03 -14.69 23.82
CA LEU D 20 15.45 -13.93 24.91
C LEU D 20 14.01 -14.35 25.16
N THR D 21 13.61 -14.41 26.43
CA THR D 21 12.26 -14.81 26.78
C THR D 21 11.55 -13.72 27.58
N CYS D 22 10.33 -13.39 27.16
CA CYS D 22 9.54 -12.37 27.86
C CYS D 22 8.32 -13.00 28.53
N GLY D 23 8.28 -12.92 29.86
CA GLY D 23 7.18 -13.46 30.63
C GLY D 23 6.07 -12.47 30.88
N VAL D 24 4.84 -12.96 30.92
CA VAL D 24 3.68 -12.10 31.15
C VAL D 24 3.01 -12.44 32.48
N TYR D 25 2.77 -11.43 33.29
CA TYR D 25 2.17 -11.62 34.60
C TYR D 25 1.05 -10.63 34.86
N GLY D 26 -0.18 -11.13 34.95
CA GLY D 26 -1.33 -10.29 35.16
C GLY D 26 -2.30 -10.34 33.99
N GLU D 27 -1.90 -11.05 32.94
CA GLU D 27 -2.73 -11.18 31.74
C GLU D 27 -2.35 -12.43 30.95
N SER D 28 -3.35 -13.03 30.30
CA SER D 28 -3.12 -14.19 29.45
C SER D 28 -2.66 -13.75 28.06
N LEU D 29 -2.03 -14.68 27.33
CA LEU D 29 -1.54 -14.40 25.98
C LEU D 29 -2.69 -14.38 24.96
N SER D 30 -3.86 -14.82 25.39
CA SER D 30 -5.01 -14.93 24.51
C SER D 30 -5.57 -13.57 24.10
N GLY D 31 -6.01 -13.47 22.85
CA GLY D 31 -6.64 -12.26 22.34
C GLY D 31 -5.70 -11.08 22.20
N HIS D 32 -4.40 -11.35 22.24
CA HIS D 32 -3.41 -10.28 22.13
C HIS D 32 -2.15 -10.75 21.42
N TYR D 33 -1.51 -9.83 20.70
CA TYR D 33 -0.24 -10.12 20.05
C TYR D 33 0.93 -9.87 20.99
N TRP D 34 2.12 -10.30 20.60
CA TRP D 34 3.31 -10.12 21.42
C TRP D 34 4.53 -9.89 20.53
N SER D 35 5.00 -8.65 20.49
CA SER D 35 6.06 -8.26 19.57
C SER D 35 7.39 -7.97 20.27
N TRP D 36 8.47 -8.02 19.49
CA TRP D 36 9.79 -7.65 19.98
C TRP D 36 10.31 -6.43 19.22
N VAL D 37 10.87 -5.47 19.95
CA VAL D 37 11.38 -4.25 19.33
C VAL D 37 12.75 -3.88 19.90
N ARG D 38 13.78 -3.91 19.06
CA ARG D 38 15.13 -3.56 19.49
C ARG D 38 15.45 -2.10 19.22
N GLN D 39 16.55 -1.62 19.81
CA GLN D 39 16.97 -0.23 19.64
C GLN D 39 18.48 -0.11 19.76
N PRO D 40 19.16 0.02 18.61
CA PRO D 40 20.61 0.21 18.57
C PRO D 40 21.07 1.40 19.41
N PRO D 41 22.28 1.33 19.98
CA PRO D 41 22.83 2.38 20.83
C PRO D 41 22.82 3.75 20.16
N GLY D 42 21.89 4.60 20.57
CA GLY D 42 21.78 5.94 20.01
C GLY D 42 21.09 5.97 18.66
N LYS D 43 20.12 5.08 18.46
CA LYS D 43 19.37 5.03 17.22
C LYS D 43 17.88 4.86 17.46
N ARG D 44 17.11 4.92 16.39
CA ARG D 44 15.66 4.77 16.46
C ARG D 44 15.27 3.34 16.83
N LEU D 45 14.02 3.15 17.21
CA LEU D 45 13.50 1.82 17.52
C LEU D 45 13.25 1.05 16.22
N GLU D 46 13.15 -0.27 16.32
CA GLU D 46 12.94 -1.11 15.15
C GLU D 46 12.06 -2.32 15.48
N TRP D 47 10.95 -2.45 14.77
CA TRP D 47 10.04 -3.57 14.97
C TRP D 47 10.57 -4.84 14.33
N ILE D 48 10.84 -5.84 15.16
CA ILE D 48 11.37 -7.10 14.68
C ILE D 48 10.27 -7.99 14.12
N GLY D 49 9.23 -8.21 14.92
CA GLY D 49 8.13 -9.05 14.51
C GLY D 49 7.18 -9.36 15.66
N GLU D 50 6.08 -10.06 15.35
CA GLU D 50 5.10 -10.42 16.36
C GLU D 50 4.40 -11.73 16.01
N ILE D 51 4.17 -12.57 17.03
CA ILE D 51 3.54 -13.86 16.82
C ILE D 51 2.12 -13.87 17.40
N LYS D 52 1.24 -14.63 16.75
CA LYS D 52 -0.13 -14.79 17.22
C LYS D 52 -0.31 -16.16 17.89
N HIS D 53 -1.34 -16.28 18.73
CA HIS D 53 -1.64 -17.54 19.41
C HIS D 53 -2.00 -18.66 18.43
N ASN D 54 -2.30 -18.30 17.19
CA ASN D 54 -2.60 -19.27 16.15
C ASN D 54 -1.35 -19.95 15.63
N GLY D 55 -0.22 -19.27 15.74
CA GLY D 55 1.06 -19.83 15.33
C GLY D 55 1.66 -19.15 14.12
N SER D 56 0.91 -18.23 13.52
CA SER D 56 1.37 -17.51 12.33
C SER D 56 2.17 -16.26 12.70
N PRO D 57 3.49 -16.30 12.47
CA PRO D 57 4.37 -15.19 12.82
C PRO D 57 4.37 -14.10 11.76
N ASN D 58 4.94 -12.95 12.10
CA ASN D 58 5.06 -11.84 11.15
C ASN D 58 6.38 -11.10 11.35
N TYR D 59 7.44 -11.61 10.73
CA TYR D 59 8.77 -11.07 10.91
C TYR D 59 9.04 -9.84 10.04
N HIS D 60 10.17 -9.18 10.30
CA HIS D 60 10.61 -8.05 9.50
C HIS D 60 11.34 -8.56 8.26
N PRO D 61 11.11 -7.92 7.10
CA PRO D 61 11.69 -8.32 5.81
C PRO D 61 13.15 -8.74 5.86
N SER D 62 13.99 -7.90 6.44
CA SER D 62 15.43 -8.13 6.47
C SER D 62 15.86 -9.06 7.61
N LEU D 63 14.90 -9.54 8.39
CA LEU D 63 15.22 -10.36 9.55
C LEU D 63 14.47 -11.69 9.57
N LYS D 64 13.77 -12.00 8.48
CA LYS D 64 13.01 -13.24 8.40
C LYS D 64 13.90 -14.48 8.43
N SER D 65 15.01 -14.42 7.70
CA SER D 65 15.90 -15.57 7.56
C SER D 65 16.71 -15.88 8.80
N ARG D 66 16.41 -15.18 9.89
CA ARG D 66 17.13 -15.40 11.16
C ARG D 66 16.18 -15.39 12.36
N VAL D 67 15.27 -14.42 12.41
CA VAL D 67 14.38 -14.26 13.54
C VAL D 67 13.31 -15.34 13.58
N THR D 68 13.07 -15.89 14.77
CA THR D 68 12.04 -16.90 14.98
C THR D 68 11.36 -16.71 16.33
N ILE D 69 10.11 -16.26 16.29
CA ILE D 69 9.35 -16.00 17.51
C ILE D 69 8.33 -17.11 17.77
N SER D 70 8.34 -17.66 18.97
CA SER D 70 7.42 -18.74 19.34
C SER D 70 6.59 -18.36 20.56
N LEU D 71 5.71 -19.27 20.97
CA LEU D 71 4.84 -19.04 22.13
C LEU D 71 4.80 -20.24 23.06
N ASP D 72 5.02 -19.98 24.35
CA ASP D 72 4.89 -21.01 25.37
C ASP D 72 3.56 -20.81 26.10
N MET D 73 2.47 -21.23 25.46
CA MET D 73 1.13 -21.00 25.96
C MET D 73 0.85 -21.66 27.30
N SER D 74 1.75 -22.55 27.73
CA SER D 74 1.60 -23.24 29.00
C SER D 74 2.11 -22.40 30.16
N LYS D 75 3.03 -21.49 29.89
CA LYS D 75 3.62 -20.65 30.93
C LYS D 75 3.39 -19.16 30.68
N ASN D 76 2.59 -18.86 29.66
CA ASN D 76 2.31 -17.49 29.25
C ASN D 76 3.58 -16.69 28.98
N GLN D 77 4.47 -17.24 28.15
CA GLN D 77 5.74 -16.61 27.81
C GLN D 77 6.06 -16.78 26.33
N PHE D 78 6.83 -15.84 25.79
CA PHE D 78 7.25 -15.92 24.40
C PHE D 78 8.72 -15.60 24.23
N SER D 79 9.35 -16.20 23.23
CA SER D 79 10.78 -16.07 23.01
C SER D 79 11.12 -15.37 21.70
N LEU D 80 12.39 -15.04 21.52
CA LEU D 80 12.86 -14.36 20.31
C LEU D 80 14.19 -14.92 19.85
N ASN D 81 14.17 -15.59 18.71
CA ASN D 81 15.40 -16.12 18.16
C ASN D 81 16.07 -15.22 17.15
N LEU D 82 17.39 -15.34 17.08
CA LEU D 82 18.19 -14.55 16.14
C LEU D 82 19.50 -15.28 15.83
N THR D 83 19.45 -16.15 14.82
CA THR D 83 20.64 -16.86 14.34
C THR D 83 21.73 -15.96 13.80
N SER D 84 22.97 -16.40 13.95
CA SER D 84 24.11 -15.76 13.30
C SER D 84 24.13 -14.27 13.60
N VAL D 85 24.38 -13.93 14.86
CA VAL D 85 24.41 -12.55 15.27
C VAL D 85 25.76 -11.91 14.96
N THR D 86 25.74 -10.60 14.72
CA THR D 86 26.96 -9.85 14.43
C THR D 86 27.04 -8.61 15.30
N ALA D 87 27.99 -7.73 14.99
CA ALA D 87 28.19 -6.51 15.75
C ALA D 87 27.04 -5.52 15.54
N ALA D 88 26.33 -5.67 14.43
CA ALA D 88 25.22 -4.79 14.10
C ALA D 88 23.95 -5.18 14.86
N ASP D 89 24.01 -6.29 15.59
CA ASP D 89 22.86 -6.76 16.35
C ASP D 89 22.90 -6.27 17.79
N THR D 90 23.98 -5.59 18.14
CA THR D 90 24.13 -5.02 19.49
C THR D 90 23.09 -3.94 19.74
N ALA D 91 22.13 -4.24 20.61
CA ALA D 91 21.04 -3.31 20.93
C ALA D 91 20.26 -3.75 22.16
N VAL D 92 19.29 -2.95 22.56
CA VAL D 92 18.41 -3.29 23.68
C VAL D 92 17.06 -3.79 23.16
N TYR D 93 16.83 -5.09 23.31
CA TYR D 93 15.61 -5.70 22.82
C TYR D 93 14.47 -5.58 23.82
N PHE D 94 13.32 -5.11 23.34
CA PHE D 94 12.14 -4.96 24.18
C PHE D 94 11.04 -5.94 23.77
N CYS D 95 10.05 -6.14 24.64
CA CYS D 95 8.89 -6.95 24.31
C CYS D 95 7.62 -6.23 24.75
N ALA D 96 6.65 -6.12 23.83
CA ALA D 96 5.43 -5.40 24.12
C ALA D 96 4.20 -6.12 23.62
N ARG D 97 3.04 -5.82 24.20
CA ARG D 97 1.79 -6.40 23.78
C ARG D 97 1.10 -5.51 22.75
N ARG D 98 0.60 -6.12 21.68
CA ARG D 98 -0.14 -5.40 20.65
C ARG D 98 -1.58 -5.88 20.58
N SER D 99 -2.52 -5.04 21.03
CA SER D 99 -3.93 -5.42 21.03
C SER D 99 -4.50 -5.45 19.61
N ASN D 100 -5.80 -5.66 19.50
CA ASN D 100 -6.45 -5.75 18.20
C ASN D 100 -7.03 -4.42 17.73
N TRP D 101 -7.17 -4.29 16.41
CA TRP D 101 -7.73 -3.10 15.79
C TRP D 101 -9.06 -2.72 16.44
N PRO D 102 -9.33 -1.40 16.60
CA PRO D 102 -8.48 -0.27 16.21
C PRO D 102 -7.30 -0.03 17.15
N TYR D 103 -7.28 -0.72 18.28
CA TYR D 103 -6.20 -0.54 19.24
C TYR D 103 -4.95 -1.30 18.82
N LEU D 104 -3.96 -0.54 18.37
CA LEU D 104 -2.69 -1.07 17.86
C LEU D 104 -1.42 -0.73 18.64
N PRO D 105 -1.36 0.44 19.33
CA PRO D 105 -0.11 0.78 20.03
C PRO D 105 0.47 -0.30 20.92
N PHE D 106 1.79 -0.41 20.91
CA PHE D 106 2.47 -1.37 21.77
C PHE D 106 2.33 -0.96 23.23
N ASP D 107 1.71 -1.84 24.03
CA ASP D 107 1.47 -1.58 25.44
C ASP D 107 0.92 -2.84 26.12
N PRO D 108 1.48 -3.21 27.29
CA PRO D 108 2.61 -2.53 27.95
C PRO D 108 3.95 -2.88 27.33
N TRP D 109 5.03 -2.33 27.88
CA TRP D 109 6.38 -2.62 27.40
C TRP D 109 7.17 -3.39 28.45
N GLY D 110 8.33 -3.89 28.07
CA GLY D 110 9.21 -4.58 29.00
C GLY D 110 10.35 -3.69 29.42
N GLN D 111 11.09 -4.10 30.46
CA GLN D 111 12.19 -3.30 30.96
C GLN D 111 13.36 -3.31 29.97
N GLY D 112 13.32 -4.22 29.01
CA GLY D 112 14.34 -4.30 27.99
C GLY D 112 15.56 -5.07 28.47
N THR D 113 16.29 -5.65 27.52
CA THR D 113 17.49 -6.43 27.82
C THR D 113 18.65 -6.02 26.94
N LEU D 114 19.68 -5.45 27.55
CA LEU D 114 20.86 -5.01 26.81
C LEU D 114 21.64 -6.19 26.25
N VAL D 115 21.84 -6.19 24.93
CA VAL D 115 22.57 -7.26 24.26
C VAL D 115 23.80 -6.72 23.54
N THR D 116 24.95 -7.35 23.77
CA THR D 116 26.20 -6.94 23.14
C THR D 116 26.91 -8.13 22.51
N VAL D 117 27.23 -8.01 21.22
CA VAL D 117 27.94 -9.06 20.50
C VAL D 117 29.38 -8.66 20.24
N SER D 118 30.32 -9.37 20.89
CA SER D 118 31.73 -9.08 20.74
C SER D 118 32.57 -10.34 20.83
N SER D 119 33.73 -10.33 20.16
CA SER D 119 34.63 -11.47 20.15
C SER D 119 35.77 -11.30 21.15
N ALA D 120 35.81 -10.13 21.80
CA ALA D 120 36.87 -9.80 22.74
C ALA D 120 36.92 -10.78 23.89
N SER D 121 38.11 -10.96 24.46
CA SER D 121 38.30 -11.86 25.59
C SER D 121 38.46 -11.08 26.88
N THR D 122 37.91 -11.61 27.97
CA THR D 122 37.96 -10.98 29.28
C THR D 122 39.38 -10.60 29.68
N LYS D 123 39.57 -9.32 30.00
CA LYS D 123 40.89 -8.80 30.38
C LYS D 123 40.77 -7.75 31.47
N GLY D 124 41.75 -7.72 32.37
CA GLY D 124 41.78 -6.74 33.44
C GLY D 124 42.19 -5.36 32.95
N PRO D 125 41.62 -4.32 33.58
CA PRO D 125 41.89 -2.91 33.24
C PRO D 125 43.29 -2.46 33.65
N SER D 126 43.82 -1.47 32.94
CA SER D 126 45.11 -0.88 33.28
C SER D 126 44.92 0.56 33.73
N VAL D 127 45.27 0.83 34.99
CA VAL D 127 45.06 2.16 35.56
C VAL D 127 46.30 3.04 35.43
N PHE D 128 46.15 4.11 34.65
CA PHE D 128 47.24 5.07 34.46
C PHE D 128 46.88 6.43 35.06
N PRO D 129 47.81 7.02 35.81
CA PRO D 129 47.59 8.30 36.49
C PRO D 129 47.47 9.49 35.53
N LEU D 130 46.58 10.42 35.85
CA LEU D 130 46.48 11.67 35.11
C LEU D 130 46.94 12.81 36.01
N ALA D 131 48.24 12.80 36.31
CA ALA D 131 48.85 13.74 37.24
C ALA D 131 48.52 15.21 36.92
N PRO D 132 48.03 15.93 37.94
CA PRO D 132 47.76 17.38 37.83
C PRO D 132 49.06 18.15 37.63
N SER D 133 48.95 19.41 37.22
CA SER D 133 50.14 20.20 36.97
C SER D 133 49.85 21.70 37.04
N SER D 134 50.93 22.50 37.03
CA SER D 134 50.81 23.95 37.11
C SER D 134 50.16 24.54 35.87
N LYS D 135 50.36 23.87 34.73
CA LYS D 135 49.74 24.29 33.47
C LYS D 135 48.32 23.77 33.36
N SER D 136 47.69 23.53 34.50
CA SER D 136 46.30 23.07 34.56
C SER D 136 45.54 23.81 35.66
N THR D 137 46.23 24.73 36.34
CA THR D 137 45.61 25.52 37.40
C THR D 137 44.69 26.59 36.81
N SER D 138 43.43 26.23 36.63
CA SER D 138 42.44 27.14 36.10
C SER D 138 41.72 27.90 37.21
N GLY D 139 42.28 29.03 37.61
CA GLY D 139 41.65 29.86 38.63
C GLY D 139 41.75 29.26 40.01
N GLY D 140 42.89 28.61 40.29
CA GLY D 140 43.07 27.93 41.55
C GLY D 140 42.31 26.61 41.57
N THR D 141 41.99 26.11 40.38
CA THR D 141 41.31 24.83 40.25
C THR D 141 42.10 23.88 39.35
N ALA D 142 42.75 22.90 39.97
CA ALA D 142 43.54 21.92 39.25
C ALA D 142 42.69 20.71 38.88
N ALA D 143 43.03 20.06 37.78
CA ALA D 143 42.29 18.90 37.32
C ALA D 143 43.17 17.66 37.31
N LEU D 144 42.61 16.54 37.77
CA LEU D 144 43.35 15.28 37.80
C LEU D 144 42.37 14.11 37.66
N GLY D 145 42.91 12.92 37.39
CA GLY D 145 42.09 11.74 37.26
C GLY D 145 42.85 10.45 37.04
N CYS D 146 42.13 9.42 36.61
CA CYS D 146 42.73 8.13 36.31
C CYS D 146 42.26 7.63 34.95
N LEU D 147 43.12 6.88 34.27
CA LEU D 147 42.80 6.35 32.95
C LEU D 147 42.60 4.83 32.98
N VAL D 148 41.34 4.41 33.03
CA VAL D 148 41.01 2.99 32.99
C VAL D 148 40.96 2.52 31.54
N LYS D 149 42.08 2.02 31.05
CA LYS D 149 42.20 1.62 29.65
C LYS D 149 42.37 0.11 29.50
N ASP D 150 41.86 -0.42 28.39
CA ASP D 150 41.97 -1.83 28.05
C ASP D 150 41.33 -2.74 29.09
N TYR D 151 40.02 -2.97 28.94
CA TYR D 151 39.30 -3.88 29.82
C TYR D 151 38.07 -4.43 29.12
N PHE D 152 37.63 -5.60 29.56
CA PHE D 152 36.49 -6.26 28.94
C PHE D 152 35.94 -7.37 29.85
N PRO D 153 34.61 -7.46 29.98
CA PRO D 153 33.66 -6.52 29.39
C PRO D 153 33.37 -5.32 30.29
N GLU D 154 32.15 -4.81 30.18
CA GLU D 154 31.68 -3.70 31.02
C GLU D 154 30.92 -4.25 32.21
N PRO D 155 30.70 -3.42 33.25
CA PRO D 155 31.23 -2.06 33.45
C PRO D 155 32.42 -2.01 34.40
N VAL D 156 32.80 -0.80 34.80
CA VAL D 156 33.86 -0.60 35.78
C VAL D 156 33.46 0.49 36.76
N THR D 157 33.69 0.24 38.05
CA THR D 157 33.34 1.20 39.08
C THR D 157 34.55 2.01 39.50
N VAL D 158 34.42 3.34 39.46
CA VAL D 158 35.51 4.22 39.84
C VAL D 158 35.08 5.23 40.89
N SER D 159 35.76 5.20 42.04
CA SER D 159 35.49 6.14 43.11
C SER D 159 36.77 6.85 43.55
N TRP D 160 36.63 7.87 44.38
CA TRP D 160 37.78 8.64 44.86
C TRP D 160 37.82 8.71 46.37
N ASN D 161 38.98 8.36 46.94
CA ASN D 161 39.20 8.35 48.38
C ASN D 161 38.16 7.51 49.12
N SER D 162 37.91 6.31 48.60
CA SER D 162 36.94 5.38 49.17
C SER D 162 35.52 5.97 49.24
N GLY D 163 35.28 7.01 48.45
CA GLY D 163 33.98 7.65 48.42
C GLY D 163 33.94 8.98 49.16
N ALA D 164 35.03 9.31 49.84
CA ALA D 164 35.11 10.56 50.58
C ALA D 164 35.01 11.76 49.64
N LEU D 165 35.69 11.66 48.50
CA LEU D 165 35.65 12.71 47.49
C LEU D 165 34.57 12.43 46.45
N THR D 166 33.60 13.32 46.35
CA THR D 166 32.50 13.16 45.42
C THR D 166 32.20 14.44 44.66
N SER D 167 32.60 15.57 45.22
CA SER D 167 32.33 16.87 44.61
C SER D 167 33.31 17.16 43.48
N GLY D 168 32.78 17.41 42.29
CA GLY D 168 33.60 17.74 41.14
C GLY D 168 34.02 16.51 40.36
N VAL D 169 33.55 15.34 40.77
CA VAL D 169 33.90 14.09 40.12
C VAL D 169 33.05 13.86 38.87
N HIS D 170 33.72 13.63 37.74
CA HIS D 170 33.04 13.38 36.48
C HIS D 170 33.55 12.09 35.82
N THR D 171 32.81 11.00 36.00
CA THR D 171 33.17 9.73 35.40
C THR D 171 32.52 9.58 34.04
N PHE D 172 33.29 9.81 32.98
CA PHE D 172 32.78 9.73 31.62
C PHE D 172 32.39 8.30 31.25
N PRO D 173 31.28 8.16 30.50
CA PRO D 173 30.83 6.86 29.99
C PRO D 173 31.92 6.11 29.24
N ALA D 174 31.91 4.78 29.31
CA ALA D 174 32.91 3.96 28.66
C ALA D 174 32.86 4.14 27.14
N VAL D 175 34.01 4.02 26.49
CA VAL D 175 34.09 4.12 25.04
C VAL D 175 34.69 2.86 24.44
N LEU D 176 34.24 2.49 23.24
CA LEU D 176 34.70 1.29 22.58
C LEU D 176 35.87 1.57 21.66
N GLN D 177 37.04 1.01 21.98
CA GLN D 177 38.23 1.17 21.16
C GLN D 177 38.15 0.25 19.93
N SER D 178 39.07 0.46 19.00
CA SER D 178 39.12 -0.34 17.78
C SER D 178 39.72 -1.72 18.05
N SER D 179 40.29 -1.87 19.23
CA SER D 179 40.92 -3.14 19.63
C SER D 179 39.93 -4.06 20.33
N GLY D 180 38.66 -3.68 20.33
CA GLY D 180 37.62 -4.47 20.95
C GLY D 180 37.54 -4.27 22.45
N LEU D 181 38.46 -3.48 22.99
CA LEU D 181 38.50 -3.22 24.42
C LEU D 181 37.86 -1.86 24.72
N TYR D 182 37.45 -1.68 25.97
CA TYR D 182 36.81 -0.43 26.38
C TYR D 182 37.79 0.48 27.10
N SER D 183 37.48 1.78 27.10
CA SER D 183 38.31 2.77 27.77
C SER D 183 37.45 3.75 28.55
N LEU D 184 37.98 4.27 29.66
CA LEU D 184 37.26 5.20 30.50
C LEU D 184 38.21 6.13 31.26
N SER D 185 37.80 7.39 31.40
CA SER D 185 38.58 8.36 32.16
C SER D 185 37.72 9.03 33.23
N SER D 186 38.19 8.96 34.48
CA SER D 186 37.48 9.58 35.59
C SER D 186 38.27 10.75 36.16
N VAL D 187 37.76 11.96 35.96
CA VAL D 187 38.46 13.16 36.40
C VAL D 187 37.75 13.82 37.58
N VAL D 188 38.47 14.73 38.26
CA VAL D 188 37.90 15.44 39.41
C VAL D 188 38.61 16.79 39.59
N THR D 189 37.82 17.83 39.87
CA THR D 189 38.36 19.18 40.06
C THR D 189 38.51 19.50 41.55
N VAL D 190 39.71 19.92 41.93
CA VAL D 190 40.02 20.23 43.32
C VAL D 190 40.87 21.50 43.42
N PRO D 191 40.79 22.20 44.57
CA PRO D 191 41.61 23.40 44.80
C PRO D 191 43.10 23.11 44.63
N SER D 192 43.81 24.01 43.95
CA SER D 192 45.23 23.82 43.68
C SER D 192 46.07 23.91 44.96
N SER D 193 45.54 24.60 45.96
CA SER D 193 46.24 24.78 47.23
C SER D 193 46.24 23.50 48.05
N SER D 194 45.40 22.54 47.68
CA SER D 194 45.31 21.27 48.39
C SER D 194 45.98 20.15 47.62
N LEU D 195 46.95 20.48 46.77
CA LEU D 195 47.66 19.48 45.99
C LEU D 195 48.88 18.97 46.74
N GLY D 196 49.41 19.77 47.65
CA GLY D 196 50.59 19.39 48.41
C GLY D 196 50.27 19.09 49.86
N THR D 197 48.98 18.99 50.17
CA THR D 197 48.54 18.70 51.54
C THR D 197 47.45 17.63 51.57
N GLN D 198 46.85 17.35 50.43
CA GLN D 198 45.78 16.36 50.34
C GLN D 198 46.13 15.24 49.38
N THR D 199 45.80 14.01 49.76
CA THR D 199 46.08 12.83 48.94
C THR D 199 44.85 12.39 48.15
N TYR D 200 45.07 12.03 46.89
CA TYR D 200 43.99 11.58 46.02
C TYR D 200 44.26 10.18 45.47
N ILE D 201 43.35 9.25 45.74
CA ILE D 201 43.50 7.87 45.30
C ILE D 201 42.22 7.38 44.61
N CYS D 202 42.36 6.93 43.37
CA CYS D 202 41.22 6.42 42.61
C CYS D 202 41.02 4.93 42.84
N ASN D 203 39.77 4.50 42.93
CA ASN D 203 39.46 3.10 43.18
C ASN D 203 38.75 2.44 41.99
N VAL D 204 39.46 1.53 41.32
CA VAL D 204 38.90 0.86 40.15
C VAL D 204 38.66 -0.61 40.42
N ASN D 205 37.49 -1.12 40.06
CA ASN D 205 37.16 -2.52 40.26
C ASN D 205 36.56 -3.17 39.02
N HIS D 206 37.08 -4.34 38.67
CA HIS D 206 36.59 -5.10 37.52
C HIS D 206 36.28 -6.53 37.94
N LYS D 207 35.08 -6.71 38.49
CA LYS D 207 34.61 -8.03 38.92
C LYS D 207 34.71 -9.15 37.86
N PRO D 208 34.41 -8.88 36.57
CA PRO D 208 34.55 -9.95 35.58
C PRO D 208 35.93 -10.63 35.55
N SER D 209 36.93 -9.97 36.13
CA SER D 209 38.26 -10.57 36.24
C SER D 209 38.84 -10.35 37.64
N ASN D 210 38.01 -9.90 38.57
CA ASN D 210 38.41 -9.62 39.95
C ASN D 210 39.67 -8.75 40.01
N THR D 211 39.56 -7.51 39.57
CA THR D 211 40.71 -6.62 39.51
C THR D 211 40.41 -5.30 40.23
N LYS D 212 40.88 -5.18 41.46
CA LYS D 212 40.76 -3.92 42.19
C LYS D 212 42.10 -3.18 42.20
N VAL D 213 42.07 -1.88 41.95
CA VAL D 213 43.27 -1.07 41.89
C VAL D 213 43.10 0.24 42.66
N ASP D 214 44.07 0.55 43.52
CA ASP D 214 44.08 1.79 44.27
C ASP D 214 45.35 2.58 44.00
N LYS D 215 45.32 3.44 42.99
CA LYS D 215 46.52 4.18 42.59
C LYS D 215 46.43 5.65 43.00
N LYS D 216 47.54 6.16 43.54
CA LYS D 216 47.61 7.55 43.97
C LYS D 216 48.07 8.46 42.84
N VAL D 217 47.40 9.59 42.69
CA VAL D 217 47.73 10.54 41.64
C VAL D 217 48.56 11.70 42.19
N GLU D 218 49.86 11.70 41.89
CA GLU D 218 50.76 12.74 42.37
C GLU D 218 51.13 13.71 41.27
N PRO D 219 51.04 15.03 41.56
CA PRO D 219 51.35 16.10 40.60
C PRO D 219 52.79 16.05 40.09
N LYS D 220 53.05 16.75 38.99
CA LYS D 220 54.40 16.84 38.44
C LYS D 220 54.72 18.27 38.00
C1 NAG E . -6.55 -18.68 -6.58
C2 NAG E . -5.57 -17.85 -7.42
C3 NAG E . -4.24 -18.59 -7.61
C4 NAG E . -3.68 -19.03 -6.27
C5 NAG E . -4.70 -19.89 -5.55
C6 NAG E . -4.20 -20.29 -4.19
C7 NAG E . -6.03 -16.31 -9.27
C8 NAG E . -6.65 -16.15 -10.62
N2 NAG E . -6.14 -17.53 -8.72
O3 NAG E . -3.32 -17.71 -8.22
O4 NAG E . -2.53 -19.85 -6.45
O5 NAG E . -5.89 -19.12 -5.35
O6 NAG E . -4.21 -19.19 -3.28
O7 NAG E . -5.45 -15.40 -8.69
C1 NAG F . -24.35 -28.69 -4.00
C2 NAG F . -24.54 -29.56 -2.75
C3 NAG F . -24.76 -31.03 -3.12
C4 NAG F . -25.78 -31.17 -4.24
C5 NAG F . -25.46 -30.20 -5.37
C6 NAG F . -26.44 -30.25 -6.52
C7 NAG F . -22.12 -29.15 -1.82
C8 NAG F . -21.26 -30.38 -1.78
N2 NAG F . -23.43 -29.39 -1.83
O3 NAG F . -25.30 -31.69 -1.98
O4 NAG F . -25.80 -32.49 -4.76
O5 NAG F . -25.45 -28.86 -4.86
O6 NAG F . -27.61 -29.49 -6.26
O7 NAG F . -21.73 -28.11 -1.29
C1 NAG G . -6.20 -29.54 -11.84
C2 NAG G . -6.64 -30.93 -12.37
C3 NAG G . -6.98 -31.87 -11.21
C4 NAG G . -5.87 -31.87 -10.16
C5 NAG G . -5.61 -30.44 -9.72
C6 NAG G . -4.51 -30.31 -8.69
C7 NAG G . -7.72 -30.91 -14.58
C8 NAG G . -9.00 -30.68 -15.33
N2 NAG G . -7.78 -30.77 -13.25
O3 NAG G . -7.14 -33.19 -11.70
O4 NAG G . -6.23 -32.67 -9.03
O5 NAG G . -5.19 -29.70 -10.86
O6 NAG G . -4.49 -29.02 -8.09
O7 NAG G . -6.68 -31.21 -15.15
C1 NAG H . -5.94 -30.22 -20.75
C2 NAG H . -4.53 -29.84 -20.29
C3 NAG H . -3.44 -30.64 -21.02
C4 NAG H . -3.81 -32.11 -21.11
C5 NAG H . -5.21 -32.20 -21.69
C6 NAG H . -5.69 -33.61 -21.87
C7 NAG H . -3.90 -27.55 -19.70
C8 NAG H . -3.83 -26.16 -20.19
N2 NAG H . -4.35 -28.43 -20.59
O3 NAG H . -2.23 -30.52 -20.29
O4 NAG H . -2.89 -32.77 -21.98
O5 NAG H . -6.08 -31.59 -20.73
O6 NAG H . -5.96 -34.17 -20.59
O7 NAG H . -3.54 -27.87 -18.57
C1 NAG I . -22.92 -34.36 -19.72
C2 NAG I . -22.15 -35.60 -19.46
C3 NAG I . -21.73 -36.14 -20.81
C4 NAG I . -23.04 -36.50 -21.53
C5 NAG I . -24.12 -35.39 -21.40
C6 NAG I . -25.53 -35.87 -21.65
C7 NAG I . -20.43 -35.77 -17.60
C8 NAG I . -20.22 -37.26 -17.68
N2 NAG I . -21.05 -35.18 -18.61
O3 NAG I . -20.86 -37.27 -20.75
O4 NAG I . -22.80 -36.73 -22.91
O5 NAG I . -24.14 -34.70 -20.13
O6 NAG I . -26.02 -36.65 -20.57
O7 NAG I . -19.82 -35.09 -16.81
C1 NAG J . -25.08 -19.57 -30.33
C2 NAG J . -26.45 -19.78 -30.93
C3 NAG J . -26.41 -20.94 -31.89
C4 NAG J . -25.32 -20.74 -32.93
C5 NAG J . -23.98 -20.35 -32.28
C6 NAG J . -22.90 -20.00 -33.27
C7 NAG J . -27.37 -21.00 -28.98
C8 NAG J . -28.56 -21.12 -28.09
N2 NAG J . -27.45 -20.03 -29.90
O3 NAG J . -27.70 -21.08 -32.44
O4 NAG J . -25.15 -21.96 -33.64
O5 NAG J . -24.15 -19.25 -31.38
O6 NAG J . -23.24 -18.89 -34.10
O7 NAG J . -26.39 -21.74 -28.87
C1 NAG K . -10.12 -24.89 -4.51
C2 NAG K . -9.73 -24.38 -3.15
C3 NAG K . -9.08 -25.49 -2.37
C4 NAG K . -10.13 -26.59 -2.23
C5 NAG K . -10.66 -27.03 -3.59
C6 NAG K . -11.88 -27.91 -3.46
C7 NAG K . -7.81 -23.05 -3.99
C8 NAG K . -7.11 -21.74 -3.90
N2 NAG K . -8.88 -23.19 -3.22
O3 NAG K . -8.69 -25.02 -1.08
O4 NAG K . -9.71 -27.71 -1.46
O5 NAG K . -11.08 -25.90 -4.36
O6 NAG K . -12.97 -27.23 -2.85
O7 NAG K . -7.41 -23.94 -4.75
C1 NAG L . 14.64 -21.35 19.23
C2 NAG L . 14.52 -22.87 19.12
C3 NAG L . 15.55 -23.52 20.01
C4 NAG L . 16.94 -22.93 19.84
C5 NAG L . 16.92 -21.40 19.83
C6 NAG L . 18.27 -20.82 19.49
C7 NAG L . 12.58 -23.10 20.63
C8 NAG L . 11.30 -23.84 20.85
N2 NAG L . 13.22 -23.37 19.48
O3 NAG L . 15.51 -24.92 19.74
O4 NAG L . 17.70 -23.36 20.96
O5 NAG L . 15.98 -20.93 18.87
O6 NAG L . 18.81 -21.46 18.35
O7 NAG L . 12.98 -22.25 21.42
#